data_8Y1J
#
_entry.id   8Y1J
#
_cell.length_a   114.062
_cell.length_b   114.062
_cell.length_c   191.450
_cell.angle_alpha   90.00
_cell.angle_beta   90.00
_cell.angle_gamma   120.00
#
_symmetry.space_group_name_H-M   'P 31 2 1'
#
loop_
_entity.id
_entity.type
_entity.pdbx_description
1 polymer 'L-threonine dehydratase'
2 non-polymer '2-KETOBUTYRIC ACID'
3 water water
#
_entity_poly.entity_id   1
_entity_poly.type   'polypeptide(L)'
_entity_poly.pdbx_seq_one_letter_code
;LEQYVKKILTSRVYDVAVETPLQPARQLSERLGNQVLLKREDLQPVFSF(LLP)IRGAYNKVAQLTEEEKARGVIAASAG
NHAQGLALAAKRQGIRAVIVMPKTTPEIKVQAVRAHGAKAVLHGDAFPEALAHALKLVDEKGYTFVHPYDDPDTIAGQGT
VAMEILRQQPGRLDAIFVPVGGGGLVAGIAAYVKYLRPEIKVIGVEPDESNCLQAAMAAGERVVLGQVGLFADGVAVAQI
GQHTFDICKDHVDEVITVSTDEICAAIKDIYDDTRSITEPAGALAVAGIKKYVERERAEGQTLVAIDSGANVNFDRLRHV
AERAELGERREAIIAVTIPERPGSFKAFCEAVGKRQITEFNYRYHSGSEAHIFVGVQTHPENDPREALVAYLREKGFPVL
DLTDNELAKLHIRHMVGGHAVKVSDEMVFRFEFPERPGALFNFLTKLGGRWNISMFHYRNHGAADGRVVAGLQVPEDERH
LIPQTLEAIGYPYWDETANPAYQLFL
;
_entity_poly.pdbx_strand_id   A,B
#
loop_
_chem_comp.id
_chem_comp.type
_chem_comp.name
_chem_comp.formula
2KT non-polymer '2-KETOBUTYRIC ACID' 'C4 H6 O3'
#
# COMPACT_ATOMS: atom_id res chain seq x y z
N LEU A 1 -29.22 -23.18 -19.03
CA LEU A 1 -28.42 -23.73 -17.88
C LEU A 1 -27.57 -24.89 -18.41
N GLU A 2 -28.27 -25.88 -18.95
CA GLU A 2 -27.63 -26.99 -19.64
C GLU A 2 -26.75 -26.48 -20.77
N GLN A 3 -27.28 -25.54 -21.56
CA GLN A 3 -26.54 -24.99 -22.68
C GLN A 3 -25.24 -24.36 -22.20
N TYR A 4 -25.31 -23.62 -21.08
CA TYR A 4 -24.14 -22.95 -20.55
C TYR A 4 -23.13 -23.92 -19.97
N VAL A 5 -23.62 -24.95 -19.28
CA VAL A 5 -22.73 -25.94 -18.70
C VAL A 5 -21.95 -26.68 -19.78
N LYS A 6 -22.63 -27.05 -20.87
CA LYS A 6 -21.94 -27.68 -21.98
C LYS A 6 -20.85 -26.78 -22.55
N LYS A 7 -21.12 -25.46 -22.64
CA LYS A 7 -20.13 -24.53 -23.12
C LYS A 7 -18.96 -24.42 -22.15
N ILE A 8 -19.25 -24.40 -20.84
CA ILE A 8 -18.20 -24.36 -19.83
C ILE A 8 -17.31 -25.60 -19.91
N LEU A 9 -17.91 -26.78 -20.04
CA LEU A 9 -17.16 -28.02 -20.12
C LEU A 9 -16.33 -28.15 -21.40
N THR A 10 -16.70 -27.41 -22.45
CA THR A 10 -15.93 -27.45 -23.68
C THR A 10 -15.13 -26.17 -23.94
N SER A 11 -14.97 -25.33 -22.92
CA SER A 11 -14.28 -24.06 -23.09
C SER A 11 -12.82 -24.30 -23.44
N ARG A 12 -12.17 -23.24 -23.97
CA ARG A 12 -10.77 -23.30 -24.36
C ARG A 12 -9.86 -22.54 -23.41
N VAL A 13 -10.33 -22.23 -22.20
CA VAL A 13 -9.62 -21.28 -21.36
C VAL A 13 -8.21 -21.73 -20.98
N TYR A 14 -7.97 -23.04 -20.88
CA TYR A 14 -6.71 -23.52 -20.34
C TYR A 14 -5.55 -23.50 -21.33
N ASP A 15 -5.79 -23.00 -22.54
CA ASP A 15 -4.68 -22.61 -23.40
C ASP A 15 -3.81 -21.51 -22.80
N VAL A 16 -4.35 -20.71 -21.87
CA VAL A 16 -3.61 -19.59 -21.31
C VAL A 16 -4.02 -19.22 -19.88
N ALA A 17 -5.32 -19.28 -19.55
CA ALA A 17 -5.70 -19.20 -18.15
C ALA A 17 -5.20 -20.41 -17.38
N VAL A 18 -4.99 -20.23 -16.07
CA VAL A 18 -4.54 -21.32 -15.21
C VAL A 18 -5.57 -21.65 -14.13
N GLU A 19 -5.47 -22.85 -13.59
CA GLU A 19 -6.20 -23.20 -12.37
C GLU A 19 -5.62 -22.40 -11.22
N THR A 20 -6.49 -21.81 -10.40
CA THR A 20 -6.04 -20.97 -9.29
C THR A 20 -6.34 -21.62 -7.94
N PRO A 21 -5.50 -21.38 -6.91
CA PRO A 21 -5.77 -21.97 -5.60
C PRO A 21 -7.08 -21.46 -5.00
N LEU A 22 -7.68 -22.32 -4.18
CA LEU A 22 -8.78 -21.96 -3.30
C LEU A 22 -8.17 -22.03 -1.90
N GLN A 23 -7.82 -20.88 -1.32
CA GLN A 23 -6.95 -20.82 -0.16
C GLN A 23 -7.73 -20.47 1.12
N PRO A 24 -7.43 -21.14 2.25
CA PRO A 24 -8.00 -20.76 3.54
C PRO A 24 -7.53 -19.36 3.93
N ALA A 25 -8.45 -18.54 4.42
CA ALA A 25 -8.11 -17.27 5.04
C ALA A 25 -8.19 -17.50 6.55
N ARG A 26 -7.04 -17.83 7.15
CA ARG A 26 -6.99 -18.37 8.49
C ARG A 26 -7.46 -17.38 9.55
N GLN A 27 -6.87 -16.19 9.58
CA GLN A 27 -7.22 -15.20 10.60
C GLN A 27 -8.64 -14.68 10.45
N LEU A 28 -9.08 -14.48 9.20
CA LEU A 28 -10.44 -14.08 8.95
C LEU A 28 -11.43 -15.16 9.40
N SER A 29 -11.10 -16.43 9.12
CA SER A 29 -11.94 -17.54 9.57
C SER A 29 -12.09 -17.62 11.09
N GLU A 30 -10.99 -17.42 11.80
CA GLU A 30 -11.02 -17.41 13.27
C GLU A 30 -11.88 -16.27 13.80
N ARG A 31 -11.70 -15.07 13.25
CA ARG A 31 -12.50 -13.92 13.64
C ARG A 31 -14.00 -14.15 13.41
N LEU A 32 -14.34 -14.73 12.26
CA LEU A 32 -15.73 -14.81 11.86
C LEU A 32 -16.46 -16.06 12.34
N GLY A 33 -15.72 -17.09 12.74
CA GLY A 33 -16.32 -18.34 13.16
C GLY A 33 -16.91 -19.16 12.01
N ASN A 34 -16.35 -18.94 10.82
CA ASN A 34 -16.77 -19.64 9.62
C ASN A 34 -15.51 -19.93 8.81
N GLN A 35 -15.51 -21.01 8.04
CA GLN A 35 -14.40 -21.30 7.15
C GLN A 35 -14.51 -20.44 5.88
N VAL A 36 -13.60 -19.48 5.76
CA VAL A 36 -13.55 -18.61 4.59
C VAL A 36 -12.44 -19.07 3.64
N LEU A 37 -12.79 -19.20 2.36
CA LEU A 37 -11.87 -19.68 1.34
C LEU A 37 -11.79 -18.62 0.24
N LEU A 38 -10.57 -18.33 -0.22
CA LEU A 38 -10.34 -17.29 -1.20
C LEU A 38 -9.94 -17.89 -2.55
N LYS A 39 -10.77 -17.66 -3.58
CA LYS A 39 -10.47 -18.11 -4.93
C LYS A 39 -9.55 -17.06 -5.57
N ARG A 40 -8.30 -17.47 -5.83
CA ARG A 40 -7.23 -16.54 -6.15
C ARG A 40 -7.11 -16.24 -7.64
N GLU A 41 -8.14 -15.61 -8.21
CA GLU A 41 -8.11 -15.21 -9.61
C GLU A 41 -7.10 -14.09 -9.89
N ASP A 42 -6.60 -13.45 -8.83
CA ASP A 42 -5.46 -12.54 -8.96
C ASP A 42 -4.18 -13.21 -9.46
N LEU A 43 -4.12 -14.55 -9.37
CA LEU A 43 -2.94 -15.29 -9.80
C LEU A 43 -2.96 -15.74 -11.26
N GLN A 44 -3.97 -15.30 -12.03
CA GLN A 44 -3.96 -15.41 -13.47
C GLN A 44 -2.81 -14.58 -14.03
N PRO A 45 -2.28 -14.90 -15.24
CA PRO A 45 -1.17 -14.13 -15.81
C PRO A 45 -1.45 -12.65 -16.01
N VAL A 46 -2.72 -12.25 -16.16
CA VAL A 46 -3.08 -10.85 -16.27
C VAL A 46 -3.67 -10.27 -15.00
N PHE A 47 -3.52 -11.00 -13.87
CA PHE A 47 -3.91 -10.56 -12.54
C PHE A 47 -5.41 -10.35 -12.36
N SER A 48 -6.22 -10.95 -13.24
CA SER A 48 -7.66 -11.00 -13.01
C SER A 48 -8.22 -12.22 -13.75
N PHE A 49 -9.45 -12.60 -13.40
CA PHE A 49 -10.11 -13.70 -14.09
C PHE A 49 -10.40 -13.48 -15.57
N1 LLP A 50 -13.67 -7.93 -10.43
C2 LLP A 50 -12.67 -7.63 -11.26
C2' LLP A 50 -11.29 -7.51 -10.69
C3 LLP A 50 -12.91 -7.44 -12.62
O3 LLP A 50 -11.88 -7.17 -13.47
C4 LLP A 50 -14.22 -7.54 -13.14
C4' LLP A 50 -14.42 -7.41 -14.59
C5 LLP A 50 -15.25 -7.86 -12.24
C6 LLP A 50 -14.93 -8.01 -10.91
C5' LLP A 50 -16.70 -7.97 -12.65
OP4 LLP A 50 -16.93 -8.82 -13.81
P LLP A 50 -18.35 -8.75 -14.56
OP1 LLP A 50 -18.30 -9.99 -15.45
OP2 LLP A 50 -18.34 -7.45 -15.29
OP3 LLP A 50 -19.45 -8.82 -13.50
N LLP A 50 -10.32 -12.22 -16.05
CA LLP A 50 -10.91 -11.87 -17.34
CB LLP A 50 -10.90 -10.34 -17.58
CG LLP A 50 -11.85 -9.51 -16.71
CD LLP A 50 -12.98 -8.82 -17.45
CE LLP A 50 -13.56 -7.52 -16.83
NZ LLP A 50 -13.41 -7.47 -15.38
C LLP A 50 -10.20 -12.59 -18.49
O LLP A 50 -10.76 -12.68 -19.57
N ILE A 51 -8.98 -13.10 -18.29
CA ILE A 51 -8.34 -13.91 -19.30
C ILE A 51 -9.19 -15.12 -19.70
N ARG A 52 -9.93 -15.69 -18.75
CA ARG A 52 -10.76 -16.84 -19.06
C ARG A 52 -11.79 -16.52 -20.15
N GLY A 53 -12.69 -15.56 -19.86
CA GLY A 53 -13.78 -15.21 -20.75
C GLY A 53 -13.32 -14.61 -22.08
N ALA A 54 -12.35 -13.70 -22.03
CA ALA A 54 -11.82 -13.08 -23.23
C ALA A 54 -11.21 -14.13 -24.15
N TYR A 55 -10.45 -15.07 -23.59
CA TYR A 55 -9.83 -16.09 -24.41
C TYR A 55 -10.88 -17.02 -25.01
N ASN A 56 -11.87 -17.43 -24.20
CA ASN A 56 -12.86 -18.36 -24.68
C ASN A 56 -13.70 -17.74 -25.80
N LYS A 57 -13.98 -16.45 -25.69
CA LYS A 57 -14.68 -15.73 -26.75
C LYS A 57 -13.85 -15.69 -28.03
N VAL A 58 -12.59 -15.24 -27.92
CA VAL A 58 -11.71 -15.15 -29.07
C VAL A 58 -11.53 -16.51 -29.77
N ALA A 59 -11.35 -17.55 -28.97
CA ALA A 59 -11.13 -18.89 -29.48
C ALA A 59 -12.34 -19.47 -30.22
N GLN A 60 -13.56 -19.00 -29.91
CA GLN A 60 -14.78 -19.48 -30.55
C GLN A 60 -15.09 -18.73 -31.84
N LEU A 61 -14.34 -17.66 -32.13
CA LEU A 61 -14.57 -16.88 -33.33
C LEU A 61 -14.26 -17.70 -34.58
N THR A 62 -14.93 -17.35 -35.69
CA THR A 62 -14.65 -17.95 -36.98
C THR A 62 -13.31 -17.42 -37.50
N GLU A 63 -12.73 -18.14 -38.46
CA GLU A 63 -11.48 -17.72 -39.08
C GLU A 63 -11.68 -16.36 -39.75
N GLU A 64 -12.90 -16.14 -40.25
CA GLU A 64 -13.31 -14.88 -40.84
C GLU A 64 -13.27 -13.73 -39.83
N GLU A 65 -13.89 -13.94 -38.67
CA GLU A 65 -13.92 -12.92 -37.63
C GLU A 65 -12.52 -12.58 -37.13
N LYS A 66 -11.65 -13.61 -37.07
CA LYS A 66 -10.27 -13.46 -36.63
C LYS A 66 -9.38 -12.73 -37.62
N ALA A 67 -9.82 -12.68 -38.88
CA ALA A 67 -8.96 -12.27 -39.99
C ALA A 67 -8.38 -10.87 -39.82
N ARG A 68 -9.24 -9.87 -39.62
CA ARG A 68 -8.74 -8.51 -39.44
C ARG A 68 -8.30 -8.28 -38.00
N GLY A 69 -8.87 -9.05 -37.07
CA GLY A 69 -8.50 -8.90 -35.68
C GLY A 69 -9.68 -8.59 -34.77
N VAL A 70 -9.36 -8.40 -33.48
CA VAL A 70 -10.34 -8.15 -32.44
C VAL A 70 -10.10 -6.76 -31.87
N ILE A 71 -11.17 -6.18 -31.33
CA ILE A 71 -11.09 -4.89 -30.68
C ILE A 71 -11.92 -4.86 -29.40
N ALA A 72 -11.46 -4.05 -28.44
CA ALA A 72 -12.20 -3.79 -27.24
C ALA A 72 -11.97 -2.34 -26.82
N ALA A 73 -12.80 -1.87 -25.89
CA ALA A 73 -12.60 -0.60 -25.23
C ALA A 73 -12.48 -0.88 -23.75
N SER A 74 -11.28 -0.69 -23.20
CA SER A 74 -11.06 -0.90 -21.78
C SER A 74 -9.76 -0.22 -21.38
N ALA A 75 -9.78 0.33 -20.17
CA ALA A 75 -8.59 0.93 -19.58
C ALA A 75 -8.01 0.03 -18.50
N GLY A 76 -8.56 -1.18 -18.33
CA GLY A 76 -8.17 -2.05 -17.23
C GLY A 76 -8.11 -3.53 -17.57
N ASN A 77 -8.84 -4.33 -16.78
CA ASN A 77 -8.61 -5.77 -16.74
C ASN A 77 -8.95 -6.45 -18.06
N HIS A 78 -10.04 -6.00 -18.70
CA HIS A 78 -10.50 -6.62 -19.93
C HIS A 78 -9.47 -6.37 -21.04
N ALA A 79 -8.93 -5.15 -21.08
CA ALA A 79 -7.87 -4.80 -22.01
C ALA A 79 -6.73 -5.81 -21.96
N GLN A 80 -6.24 -6.08 -20.75
CA GLN A 80 -5.14 -7.00 -20.58
C GLN A 80 -5.54 -8.43 -20.90
N GLY A 81 -6.74 -8.84 -20.45
CA GLY A 81 -7.24 -10.17 -20.75
C GLY A 81 -7.28 -10.41 -22.25
N LEU A 82 -7.88 -9.44 -22.97
CA LEU A 82 -8.04 -9.60 -24.40
C LEU A 82 -6.69 -9.54 -25.12
N ALA A 83 -5.83 -8.61 -24.70
CA ALA A 83 -4.53 -8.49 -25.34
C ALA A 83 -3.74 -9.78 -25.26
N LEU A 84 -3.72 -10.42 -24.08
CA LEU A 84 -2.98 -11.66 -23.92
C LEU A 84 -3.66 -12.77 -24.71
N ALA A 85 -5.00 -12.79 -24.70
CA ALA A 85 -5.76 -13.80 -25.41
C ALA A 85 -5.44 -13.76 -26.90
N ALA A 86 -5.41 -12.55 -27.45
CA ALA A 86 -5.13 -12.35 -28.85
C ALA A 86 -3.70 -12.78 -29.19
N LYS A 87 -2.73 -12.41 -28.35
CA LYS A 87 -1.36 -12.85 -28.53
C LYS A 87 -1.27 -14.37 -28.58
N ARG A 88 -1.96 -15.04 -27.66
CA ARG A 88 -1.96 -16.48 -27.61
C ARG A 88 -2.53 -17.12 -28.88
N GLN A 89 -3.58 -16.51 -29.46
CA GLN A 89 -4.18 -16.99 -30.69
C GLN A 89 -3.45 -16.53 -31.95
N GLY A 90 -2.44 -15.68 -31.79
CA GLY A 90 -1.70 -15.15 -32.92
C GLY A 90 -2.52 -14.19 -33.78
N ILE A 91 -3.44 -13.44 -33.14
CA ILE A 91 -4.27 -12.50 -33.87
C ILE A 91 -4.02 -11.06 -33.42
N ARG A 92 -4.35 -10.13 -34.31
CA ARG A 92 -4.21 -8.71 -34.07
C ARG A 92 -5.27 -8.27 -33.06
N ALA A 93 -4.88 -7.41 -32.13
CA ALA A 93 -5.78 -6.85 -31.13
C ALA A 93 -5.59 -5.34 -31.08
N VAL A 94 -6.71 -4.61 -31.06
CA VAL A 94 -6.69 -3.17 -30.86
C VAL A 94 -7.48 -2.92 -29.59
N ILE A 95 -6.89 -2.16 -28.67
CA ILE A 95 -7.59 -1.77 -27.44
C ILE A 95 -7.69 -0.25 -27.44
N VAL A 96 -8.93 0.25 -27.34
CA VAL A 96 -9.17 1.68 -27.28
C VAL A 96 -9.36 2.04 -25.81
N MET A 97 -8.70 3.12 -25.39
CA MET A 97 -8.82 3.59 -24.02
C MET A 97 -8.69 5.11 -23.99
N PRO A 98 -9.27 5.79 -22.98
CA PRO A 98 -9.22 7.25 -22.91
C PRO A 98 -7.80 7.83 -22.95
N LYS A 99 -7.65 9.01 -23.58
CA LYS A 99 -6.43 9.82 -23.54
C LYS A 99 -5.84 9.95 -22.14
N THR A 100 -6.71 10.07 -21.13
CA THR A 100 -6.28 10.25 -19.75
C THR A 100 -5.69 8.99 -19.13
N THR A 101 -5.86 7.83 -19.79
CA THR A 101 -5.48 6.56 -19.19
C THR A 101 -4.02 6.56 -18.73
N PRO A 102 -3.70 6.08 -17.51
CA PRO A 102 -2.31 6.06 -17.04
C PRO A 102 -1.37 5.26 -17.95
N GLU A 103 -0.13 5.76 -18.07
CA GLU A 103 0.89 5.21 -18.93
C GLU A 103 1.24 3.75 -18.64
N ILE A 104 1.18 3.36 -17.36
CA ILE A 104 1.49 1.99 -16.94
C ILE A 104 0.53 0.95 -17.52
N LYS A 105 -0.77 1.31 -17.59
CA LYS A 105 -1.77 0.44 -18.16
C LYS A 105 -1.66 0.37 -19.69
N VAL A 106 -1.32 1.51 -20.32
CA VAL A 106 -1.11 1.58 -21.77
C VAL A 106 0.01 0.63 -22.20
N GLN A 107 1.10 0.64 -21.41
CA GLN A 107 2.30 -0.11 -21.73
C GLN A 107 2.08 -1.61 -21.52
N ALA A 108 1.31 -1.96 -20.49
CA ALA A 108 0.92 -3.34 -20.24
C ALA A 108 0.21 -3.99 -21.42
N VAL A 109 -0.68 -3.23 -22.07
CA VAL A 109 -1.36 -3.66 -23.27
C VAL A 109 -0.37 -3.82 -24.44
N ARG A 110 0.47 -2.80 -24.66
CA ARG A 110 1.43 -2.87 -25.74
C ARG A 110 2.45 -4.00 -25.58
N ALA A 111 2.78 -4.32 -24.33
CA ALA A 111 3.69 -5.40 -24.00
C ALA A 111 3.23 -6.76 -24.55
N HIS A 112 1.92 -6.98 -24.65
CA HIS A 112 1.37 -8.17 -25.30
C HIS A 112 1.21 -8.05 -26.82
N GLY A 113 1.77 -6.99 -27.43
CA GLY A 113 1.74 -6.80 -28.87
C GLY A 113 0.42 -6.26 -29.41
N ALA A 114 -0.47 -5.80 -28.53
CA ALA A 114 -1.72 -5.18 -28.93
C ALA A 114 -1.51 -3.70 -29.21
N LYS A 115 -2.29 -3.16 -30.16
CA LYS A 115 -2.30 -1.73 -30.40
C LYS A 115 -3.18 -1.03 -29.37
N ALA A 116 -2.58 -0.08 -28.63
CA ALA A 116 -3.33 0.76 -27.70
C ALA A 116 -3.65 2.10 -28.37
N VAL A 117 -4.94 2.34 -28.66
CA VAL A 117 -5.38 3.58 -29.28
C VAL A 117 -5.92 4.47 -28.18
N LEU A 118 -5.31 5.65 -28.01
CA LEU A 118 -5.70 6.61 -26.98
C LEU A 118 -6.72 7.58 -27.58
N HIS A 119 -7.97 7.49 -27.12
CA HIS A 119 -9.06 8.26 -27.68
C HIS A 119 -10.18 8.50 -26.67
N GLY A 120 -10.59 9.77 -26.53
CA GLY A 120 -11.62 10.19 -25.58
C GLY A 120 -11.07 10.63 -24.22
N ASP A 121 -11.85 11.49 -23.54
CA ASP A 121 -11.54 11.88 -22.17
C ASP A 121 -12.19 10.94 -21.16
N ALA A 122 -13.26 10.26 -21.58
CA ALA A 122 -13.92 9.26 -20.75
C ALA A 122 -14.28 8.00 -21.54
N PHE A 123 -14.61 6.93 -20.80
CA PHE A 123 -14.86 5.62 -21.39
C PHE A 123 -15.87 5.62 -22.54
N PRO A 124 -17.05 6.28 -22.42
CA PRO A 124 -18.06 6.25 -23.48
C PRO A 124 -17.57 6.68 -24.86
N GLU A 125 -16.65 7.65 -24.89
CA GLU A 125 -16.07 8.11 -26.15
C GLU A 125 -15.09 7.09 -26.74
N ALA A 126 -14.27 6.50 -25.86
CA ALA A 126 -13.41 5.38 -26.23
C ALA A 126 -14.23 4.23 -26.81
N LEU A 127 -15.32 3.88 -26.12
CA LEU A 127 -16.20 2.81 -26.56
C LEU A 127 -16.77 3.07 -27.95
N ALA A 128 -17.20 4.31 -28.17
CA ALA A 128 -17.80 4.69 -29.45
C ALA A 128 -16.78 4.63 -30.57
N HIS A 129 -15.53 5.02 -30.27
CA HIS A 129 -14.45 4.95 -31.25
C HIS A 129 -14.17 3.49 -31.63
N ALA A 130 -14.13 2.61 -30.63
CA ALA A 130 -13.92 1.19 -30.87
C ALA A 130 -15.01 0.61 -31.76
N LEU A 131 -16.27 0.91 -31.41
CA LEU A 131 -17.39 0.39 -32.15
C LEU A 131 -17.43 0.91 -33.58
N LYS A 132 -16.95 2.14 -33.78
CA LYS A 132 -16.79 2.69 -35.11
C LYS A 132 -15.76 1.90 -35.91
N LEU A 133 -14.63 1.56 -35.26
CA LEU A 133 -13.56 0.85 -35.94
C LEU A 133 -13.99 -0.57 -36.33
N VAL A 134 -14.94 -1.16 -35.58
CA VAL A 134 -15.56 -2.42 -35.97
C VAL A 134 -16.07 -2.35 -37.42
N ASP A 135 -16.80 -1.28 -37.73
CA ASP A 135 -17.42 -1.13 -39.03
C ASP A 135 -16.40 -0.67 -40.08
N GLU A 136 -15.55 0.27 -39.67
CA GLU A 136 -14.55 0.84 -40.56
C GLU A 136 -13.54 -0.20 -41.05
N LYS A 137 -13.00 -0.99 -40.11
CA LYS A 137 -11.89 -1.90 -40.37
C LYS A 137 -12.23 -3.39 -40.36
N GLY A 138 -13.43 -3.76 -39.88
CA GLY A 138 -13.84 -5.15 -39.85
C GLY A 138 -13.28 -5.96 -38.69
N TYR A 139 -12.85 -5.27 -37.63
CA TYR A 139 -12.50 -5.93 -36.38
C TYR A 139 -13.76 -6.49 -35.71
N THR A 140 -13.60 -7.59 -34.97
CA THR A 140 -14.68 -8.14 -34.17
C THR A 140 -14.57 -7.63 -32.74
N PHE A 141 -15.63 -6.95 -32.27
CA PHE A 141 -15.69 -6.43 -30.91
C PHE A 141 -15.72 -7.58 -29.90
N VAL A 142 -14.95 -7.43 -28.81
CA VAL A 142 -15.03 -8.42 -27.74
C VAL A 142 -15.53 -7.73 -26.48
N HIS A 143 -16.75 -8.10 -26.07
CA HIS A 143 -17.41 -7.48 -24.94
C HIS A 143 -16.81 -7.98 -23.63
N PRO A 144 -16.61 -7.09 -22.62
CA PRO A 144 -16.09 -7.53 -21.32
C PRO A 144 -16.94 -8.54 -20.55
N TYR A 145 -18.26 -8.57 -20.80
CA TYR A 145 -19.12 -9.48 -20.06
C TYR A 145 -20.35 -10.03 -20.76
N ASP A 146 -20.91 -9.27 -21.72
CA ASP A 146 -22.24 -9.57 -22.22
C ASP A 146 -22.18 -10.44 -23.48
N ASP A 147 -21.70 -11.68 -23.30
CA ASP A 147 -21.47 -12.57 -24.41
C ASP A 147 -21.49 -14.00 -23.87
N PRO A 148 -22.27 -14.92 -24.47
CA PRO A 148 -22.36 -16.30 -23.97
C PRO A 148 -21.00 -17.01 -23.83
N ASP A 149 -20.10 -16.79 -24.79
CA ASP A 149 -18.80 -17.43 -24.75
C ASP A 149 -17.93 -16.87 -23.61
N THR A 150 -18.04 -15.56 -23.35
CA THR A 150 -17.41 -14.91 -22.20
C THR A 150 -17.94 -15.47 -20.88
N ILE A 151 -19.26 -15.54 -20.76
CA ILE A 151 -19.91 -16.11 -19.58
C ILE A 151 -19.40 -17.52 -19.33
N ALA A 152 -19.32 -18.33 -20.38
CA ALA A 152 -18.92 -19.72 -20.25
C ALA A 152 -17.48 -19.83 -19.77
N GLY A 153 -16.62 -18.98 -20.33
CA GLY A 153 -15.24 -18.86 -19.87
C GLY A 153 -15.12 -18.52 -18.38
N GLN A 154 -15.85 -17.50 -17.94
CA GLN A 154 -15.81 -17.12 -16.54
C GLN A 154 -16.34 -18.25 -15.65
N GLY A 155 -17.30 -19.02 -16.16
CA GLY A 155 -17.88 -20.14 -15.44
C GLY A 155 -16.89 -21.23 -15.04
N THR A 156 -15.76 -21.31 -15.75
CA THR A 156 -14.71 -22.25 -15.37
C THR A 156 -14.23 -22.02 -13.95
N VAL A 157 -14.39 -20.79 -13.44
CA VAL A 157 -14.11 -20.51 -12.04
C VAL A 157 -14.92 -21.41 -11.11
N ALA A 158 -16.23 -21.54 -11.39
CA ALA A 158 -17.09 -22.38 -10.58
C ALA A 158 -16.74 -23.86 -10.73
N MET A 159 -16.39 -24.26 -11.97
CA MET A 159 -16.02 -25.63 -12.24
C MET A 159 -14.84 -26.03 -11.35
N GLU A 160 -13.87 -25.11 -11.21
CA GLU A 160 -12.72 -25.36 -10.35
C GLU A 160 -13.12 -25.43 -8.88
N ILE A 161 -13.90 -24.45 -8.41
CA ILE A 161 -14.28 -24.35 -7.01
C ILE A 161 -14.99 -25.61 -6.53
N LEU A 162 -15.93 -26.11 -7.34
CA LEU A 162 -16.70 -27.28 -6.96
C LEU A 162 -15.85 -28.54 -6.94
N ARG A 163 -14.82 -28.57 -7.78
CA ARG A 163 -13.86 -29.66 -7.75
C ARG A 163 -12.92 -29.55 -6.55
N GLN A 164 -12.56 -28.32 -6.18
CA GLN A 164 -11.59 -28.08 -5.11
C GLN A 164 -12.21 -28.21 -3.72
N GLN A 165 -13.52 -27.94 -3.62
CA GLN A 165 -14.22 -27.96 -2.35
C GLN A 165 -15.44 -28.85 -2.56
N PRO A 166 -15.25 -30.17 -2.67
CA PRO A 166 -16.35 -31.10 -2.95
C PRO A 166 -17.29 -31.30 -1.77
N GLY A 167 -16.80 -31.07 -0.56
CA GLY A 167 -17.61 -31.17 0.64
C GLY A 167 -18.42 -29.90 0.91
N ARG A 168 -18.62 -29.60 2.18
CA ARG A 168 -19.51 -28.52 2.56
C ARG A 168 -19.11 -27.17 1.94
N LEU A 169 -20.11 -26.51 1.37
CA LEU A 169 -19.93 -25.21 0.74
C LEU A 169 -21.30 -24.50 0.78
N ASP A 170 -21.45 -23.53 1.67
CA ASP A 170 -22.73 -22.89 1.92
C ASP A 170 -23.04 -21.82 0.87
N ALA A 171 -22.03 -21.06 0.50
CA ALA A 171 -22.25 -19.91 -0.36
C ALA A 171 -20.97 -19.45 -1.05
N ILE A 172 -21.14 -19.00 -2.29
CA ILE A 172 -20.07 -18.38 -3.07
C ILE A 172 -20.43 -16.92 -3.31
N PHE A 173 -19.48 -16.04 -2.94
CA PHE A 173 -19.64 -14.60 -3.05
C PHE A 173 -18.85 -14.09 -4.25
N VAL A 174 -19.56 -13.36 -5.14
CA VAL A 174 -19.01 -12.97 -6.43
C VAL A 174 -19.17 -11.46 -6.65
N PRO A 175 -18.09 -10.74 -7.01
CA PRO A 175 -18.23 -9.32 -7.39
C PRO A 175 -19.02 -9.23 -8.69
N VAL A 176 -19.82 -8.18 -8.82
CA VAL A 176 -20.65 -8.01 -9.99
C VAL A 176 -20.45 -6.64 -10.63
N GLY A 177 -19.88 -6.66 -11.84
CA GLY A 177 -19.85 -5.50 -12.70
C GLY A 177 -21.04 -5.58 -13.64
N GLY A 178 -20.79 -6.12 -14.85
CA GLY A 178 -21.86 -6.37 -15.81
C GLY A 178 -22.48 -7.76 -15.74
N GLY A 179 -21.91 -8.61 -14.88
CA GLY A 179 -22.50 -9.90 -14.54
C GLY A 179 -22.00 -11.13 -15.28
N GLY A 180 -20.88 -11.00 -16.01
CA GLY A 180 -20.29 -12.13 -16.72
C GLY A 180 -19.79 -13.20 -15.75
N LEU A 181 -19.00 -12.76 -14.77
CA LEU A 181 -18.43 -13.66 -13.78
C LEU A 181 -19.55 -14.38 -13.00
N VAL A 182 -20.44 -13.61 -12.38
CA VAL A 182 -21.48 -14.22 -11.58
C VAL A 182 -22.47 -15.06 -12.39
N ALA A 183 -22.76 -14.66 -13.63
CA ALA A 183 -23.65 -15.45 -14.47
C ALA A 183 -23.05 -16.81 -14.79
N GLY A 184 -21.76 -16.82 -15.14
CA GLY A 184 -21.09 -18.08 -15.43
C GLY A 184 -21.02 -19.00 -14.22
N ILE A 185 -20.74 -18.42 -13.06
CA ILE A 185 -20.67 -19.16 -11.81
C ILE A 185 -22.05 -19.68 -11.42
N ALA A 186 -23.05 -18.81 -11.53
CA ALA A 186 -24.41 -19.19 -11.16
C ALA A 186 -24.91 -20.32 -12.05
N ALA A 187 -24.60 -20.24 -13.35
CA ALA A 187 -25.06 -21.26 -14.27
C ALA A 187 -24.56 -22.62 -13.84
N TYR A 188 -23.25 -22.70 -13.57
CA TYR A 188 -22.63 -23.98 -13.26
C TYR A 188 -23.06 -24.48 -11.88
N VAL A 189 -23.09 -23.58 -10.90
CA VAL A 189 -23.45 -23.96 -9.53
C VAL A 189 -24.90 -24.42 -9.43
N LYS A 190 -25.82 -23.64 -10.01
CA LYS A 190 -27.22 -24.00 -9.90
C LYS A 190 -27.56 -25.27 -10.68
N TYR A 191 -26.74 -25.61 -11.66
CA TYR A 191 -26.88 -26.86 -12.38
C TYR A 191 -26.44 -28.05 -11.53
N LEU A 192 -25.24 -27.95 -10.97
CA LEU A 192 -24.59 -29.10 -10.36
C LEU A 192 -24.89 -29.23 -8.87
N ARG A 193 -24.82 -28.11 -8.14
CA ARG A 193 -25.04 -28.15 -6.70
C ARG A 193 -25.90 -26.96 -6.29
N PRO A 194 -27.21 -27.01 -6.60
CA PRO A 194 -28.10 -25.87 -6.37
C PRO A 194 -28.30 -25.50 -4.90
N GLU A 195 -27.94 -26.38 -3.97
CA GLU A 195 -28.01 -26.05 -2.55
C GLU A 195 -27.00 -24.97 -2.14
N ILE A 196 -25.96 -24.75 -2.96
CA ILE A 196 -25.03 -23.66 -2.72
C ILE A 196 -25.67 -22.32 -3.11
N LYS A 197 -25.62 -21.36 -2.20
CA LYS A 197 -26.07 -20.00 -2.50
C LYS A 197 -25.05 -19.28 -3.38
N VAL A 198 -25.53 -18.57 -4.41
CA VAL A 198 -24.68 -17.69 -5.20
C VAL A 198 -25.05 -16.25 -4.88
N ILE A 199 -24.12 -15.56 -4.23
CA ILE A 199 -24.41 -14.23 -3.69
C ILE A 199 -23.54 -13.21 -4.40
N GLY A 200 -24.17 -12.31 -5.14
CA GLY A 200 -23.47 -11.19 -5.73
C GLY A 200 -23.11 -10.15 -4.69
N VAL A 201 -21.99 -9.46 -4.94
CA VAL A 201 -21.58 -8.35 -4.11
C VAL A 201 -21.23 -7.17 -5.01
N GLU A 202 -21.86 -6.01 -4.72
CA GLU A 202 -21.64 -4.79 -5.47
C GLU A 202 -21.37 -3.65 -4.50
N PRO A 203 -20.64 -2.60 -4.92
CA PRO A 203 -20.57 -1.36 -4.13
C PRO A 203 -21.93 -0.69 -4.05
N ASP A 204 -22.19 0.00 -2.94
CA ASP A 204 -23.37 0.86 -2.82
C ASP A 204 -23.50 1.78 -4.02
N GLU A 205 -22.38 2.33 -4.49
CA GLU A 205 -22.34 3.26 -5.59
C GLU A 205 -22.51 2.65 -6.99
N SER A 206 -22.48 1.31 -7.10
CA SER A 206 -22.59 0.63 -8.38
C SER A 206 -23.31 -0.72 -8.24
N ASN A 207 -24.62 -0.63 -8.01
CA ASN A 207 -25.40 -1.81 -7.66
C ASN A 207 -26.35 -2.19 -8.79
N CYS A 208 -25.82 -2.29 -10.01
CA CYS A 208 -26.68 -2.44 -11.18
C CYS A 208 -27.43 -3.77 -11.20
N LEU A 209 -26.81 -4.85 -10.70
CA LEU A 209 -27.52 -6.12 -10.60
C LEU A 209 -28.59 -6.10 -9.51
N GLN A 210 -28.23 -5.59 -8.33
CA GLN A 210 -29.18 -5.54 -7.22
C GLN A 210 -30.42 -4.76 -7.61
N ALA A 211 -30.22 -3.61 -8.27
CA ALA A 211 -31.34 -2.76 -8.69
C ALA A 211 -32.17 -3.45 -9.77
N ALA A 212 -31.50 -4.16 -10.68
CA ALA A 212 -32.18 -4.85 -11.76
C ALA A 212 -33.04 -5.99 -11.24
N MET A 213 -32.49 -6.73 -10.28
CA MET A 213 -33.22 -7.84 -9.67
C MET A 213 -34.44 -7.33 -8.92
N ALA A 214 -34.28 -6.24 -8.17
CA ALA A 214 -35.39 -5.62 -7.45
C ALA A 214 -36.47 -5.09 -8.39
N ALA A 215 -36.07 -4.51 -9.52
CA ALA A 215 -37.00 -3.92 -10.46
C ALA A 215 -37.52 -4.92 -11.49
N GLY A 216 -36.87 -6.09 -11.60
CA GLY A 216 -37.26 -7.08 -12.58
C GLY A 216 -36.98 -6.66 -14.02
N GLU A 217 -36.12 -5.66 -14.21
CA GLU A 217 -35.66 -5.29 -15.53
C GLU A 217 -34.30 -4.61 -15.44
N ARG A 218 -33.68 -4.38 -16.59
CA ARG A 218 -32.29 -3.92 -16.65
C ARG A 218 -32.20 -2.40 -16.50
N VAL A 219 -32.35 -1.91 -15.26
CA VAL A 219 -32.30 -0.49 -15.00
C VAL A 219 -30.91 0.08 -15.31
N VAL A 220 -30.89 1.35 -15.70
CA VAL A 220 -29.67 2.10 -15.91
C VAL A 220 -29.46 3.01 -14.71
N LEU A 221 -28.36 2.79 -13.99
CA LEU A 221 -28.01 3.66 -12.87
C LEU A 221 -27.62 5.03 -13.40
N GLY A 222 -28.05 6.08 -12.67
CA GLY A 222 -27.80 7.46 -13.04
C GLY A 222 -26.31 7.83 -12.99
N GLN A 223 -25.55 7.19 -12.09
CA GLN A 223 -24.10 7.20 -12.18
C GLN A 223 -23.51 6.04 -11.37
N VAL A 224 -22.21 5.80 -11.58
CA VAL A 224 -21.52 4.72 -10.92
C VAL A 224 -20.35 5.30 -10.15
N GLY A 225 -20.07 4.76 -8.96
CA GLY A 225 -18.89 5.14 -8.21
C GLY A 225 -17.62 4.67 -8.92
N LEU A 226 -16.56 5.46 -8.85
CA LEU A 226 -15.34 5.11 -9.56
C LEU A 226 -14.31 4.46 -8.65
N PHE A 227 -14.60 4.29 -7.35
CA PHE A 227 -13.63 3.69 -6.43
C PHE A 227 -13.36 2.24 -6.82
N ALA A 228 -14.43 1.44 -6.92
CA ALA A 228 -14.32 0.06 -7.36
C ALA A 228 -14.45 0.05 -8.87
N ASP A 229 -13.35 0.40 -9.53
CA ASP A 229 -13.33 0.68 -10.95
C ASP A 229 -13.57 -0.57 -11.79
N GLY A 230 -13.21 -1.74 -11.25
CA GLY A 230 -13.46 -3.00 -11.93
C GLY A 230 -14.94 -3.34 -12.15
N VAL A 231 -15.84 -2.72 -11.38
CA VAL A 231 -17.27 -2.98 -11.49
C VAL A 231 -18.08 -1.72 -11.76
N ALA A 232 -17.46 -0.73 -12.39
CA ALA A 232 -18.11 0.53 -12.74
C ALA A 232 -18.98 0.35 -13.97
N VAL A 233 -20.16 -0.26 -13.78
CA VAL A 233 -21.06 -0.60 -14.87
C VAL A 233 -22.46 -0.14 -14.48
N ALA A 234 -23.06 0.70 -15.33
CA ALA A 234 -24.36 1.32 -15.07
C ALA A 234 -25.55 0.39 -15.29
N GLN A 235 -25.39 -0.60 -16.16
CA GLN A 235 -26.51 -1.46 -16.53
C GLN A 235 -26.03 -2.90 -16.69
N ILE A 236 -26.76 -3.82 -16.06
CA ILE A 236 -26.47 -5.23 -16.13
C ILE A 236 -26.59 -5.72 -17.57
N GLY A 237 -25.69 -6.62 -17.97
CA GLY A 237 -25.75 -7.19 -19.30
C GLY A 237 -27.09 -7.89 -19.55
N GLN A 238 -27.44 -8.06 -20.83
CA GLN A 238 -28.65 -8.76 -21.23
C GLN A 238 -28.51 -10.27 -21.04
N HIS A 239 -27.46 -10.85 -21.64
CA HIS A 239 -27.20 -12.27 -21.49
C HIS A 239 -26.94 -12.64 -20.03
N THR A 240 -26.28 -11.75 -19.29
CA THR A 240 -25.95 -12.01 -17.91
C THR A 240 -27.21 -11.96 -17.04
N PHE A 241 -28.05 -10.93 -17.25
CA PHE A 241 -29.26 -10.82 -16.46
C PHE A 241 -30.23 -11.99 -16.68
N ASP A 242 -30.27 -12.52 -17.90
CA ASP A 242 -31.11 -13.66 -18.19
C ASP A 242 -30.80 -14.86 -17.31
N ILE A 243 -29.53 -15.03 -16.96
CA ILE A 243 -29.14 -16.02 -15.96
C ILE A 243 -29.36 -15.54 -14.52
N CYS A 244 -28.88 -14.33 -14.20
CA CYS A 244 -28.86 -13.86 -12.83
C CYS A 244 -30.25 -13.75 -12.21
N LYS A 245 -31.23 -13.30 -13.01
CA LYS A 245 -32.53 -12.98 -12.45
C LYS A 245 -33.12 -14.20 -11.75
N ASP A 246 -32.81 -15.40 -12.22
CA ASP A 246 -33.32 -16.62 -11.62
C ASP A 246 -32.31 -17.38 -10.76
N HIS A 247 -31.01 -17.19 -10.99
CA HIS A 247 -30.02 -18.11 -10.45
C HIS A 247 -29.02 -17.46 -9.49
N VAL A 248 -29.12 -16.14 -9.29
CA VAL A 248 -28.38 -15.47 -8.22
C VAL A 248 -29.36 -15.32 -7.06
N ASP A 249 -28.95 -15.73 -5.85
CA ASP A 249 -29.86 -15.73 -4.72
C ASP A 249 -30.14 -14.32 -4.22
N GLU A 250 -29.11 -13.48 -4.24
CA GLU A 250 -29.25 -12.10 -3.81
C GLU A 250 -27.95 -11.36 -4.08
N VAL A 251 -28.01 -10.02 -3.98
CA VAL A 251 -26.86 -9.16 -4.08
C VAL A 251 -26.78 -8.39 -2.78
N ILE A 252 -25.60 -8.45 -2.13
CA ILE A 252 -25.30 -7.65 -0.97
C ILE A 252 -24.46 -6.48 -1.46
N THR A 253 -24.76 -5.28 -0.95
CA THR A 253 -23.98 -4.10 -1.26
C THR A 253 -23.08 -3.75 -0.08
N VAL A 254 -21.92 -3.18 -0.39
CA VAL A 254 -20.95 -2.78 0.62
C VAL A 254 -20.40 -1.39 0.30
N SER A 255 -19.90 -0.72 1.34
CA SER A 255 -19.34 0.61 1.20
C SER A 255 -17.86 0.59 0.83
N THR A 256 -17.37 1.76 0.43
CA THR A 256 -15.96 1.95 0.12
C THR A 256 -15.09 1.53 1.31
N ASP A 257 -15.46 1.98 2.51
CA ASP A 257 -14.69 1.65 3.70
C ASP A 257 -14.68 0.15 3.99
N GLU A 258 -15.81 -0.51 3.81
CA GLU A 258 -15.88 -1.97 3.94
C GLU A 258 -14.95 -2.67 2.94
N ILE A 259 -14.88 -2.13 1.73
CA ILE A 259 -13.97 -2.68 0.73
C ILE A 259 -12.52 -2.52 1.16
N CYS A 260 -12.20 -1.32 1.69
CA CYS A 260 -10.84 -1.05 2.13
C CYS A 260 -10.44 -2.00 3.24
N ALA A 261 -11.34 -2.26 4.18
CA ALA A 261 -11.03 -3.18 5.28
C ALA A 261 -10.86 -4.59 4.74
N ALA A 262 -11.64 -4.97 3.73
CA ALA A 262 -11.49 -6.27 3.10
C ALA A 262 -10.15 -6.44 2.38
N ILE A 263 -9.69 -5.36 1.72
CA ILE A 263 -8.39 -5.38 1.07
C ILE A 263 -7.31 -5.73 2.10
N LYS A 264 -7.36 -5.08 3.27
CA LYS A 264 -6.40 -5.37 4.33
C LYS A 264 -6.52 -6.79 4.89
N ASP A 265 -7.75 -7.23 5.15
CA ASP A 265 -7.98 -8.58 5.62
C ASP A 265 -7.34 -9.63 4.70
N ILE A 266 -7.54 -9.48 3.39
CA ILE A 266 -6.98 -10.40 2.43
C ILE A 266 -5.46 -10.37 2.47
N TYR A 267 -4.90 -9.16 2.54
CA TYR A 267 -3.46 -8.99 2.65
C TYR A 267 -2.92 -9.68 3.90
N ASP A 268 -3.61 -9.48 5.03
CA ASP A 268 -3.16 -10.05 6.29
C ASP A 268 -3.13 -11.58 6.26
N ASP A 269 -4.02 -12.21 5.51
CA ASP A 269 -4.03 -13.66 5.43
C ASP A 269 -3.21 -14.28 4.28
N THR A 270 -2.98 -13.53 3.19
CA THR A 270 -2.34 -14.07 2.00
C THR A 270 -1.12 -13.33 1.46
N ARG A 271 -0.93 -12.09 1.90
CA ARG A 271 0.06 -11.15 1.36
C ARG A 271 -0.27 -10.68 -0.05
N SER A 272 -1.48 -10.96 -0.53
CA SER A 272 -1.86 -10.48 -1.84
C SER A 272 -2.64 -9.18 -1.65
N ILE A 273 -2.47 -8.28 -2.61
CA ILE A 273 -3.24 -7.05 -2.75
C ILE A 273 -4.32 -7.27 -3.80
N THR A 274 -5.58 -7.08 -3.39
CA THR A 274 -6.69 -7.06 -4.32
C THR A 274 -7.00 -5.61 -4.66
N GLU A 275 -7.43 -5.41 -5.90
CA GLU A 275 -8.07 -4.17 -6.27
C GLU A 275 -9.45 -4.12 -5.60
N PRO A 276 -10.06 -2.93 -5.48
CA PRO A 276 -11.37 -2.82 -4.82
C PRO A 276 -12.40 -3.85 -5.29
N ALA A 277 -12.52 -4.04 -6.61
CA ALA A 277 -13.47 -5.00 -7.15
C ALA A 277 -13.14 -6.40 -6.65
N GLY A 278 -11.85 -6.66 -6.48
CA GLY A 278 -11.37 -7.97 -6.06
C GLY A 278 -11.59 -8.28 -4.57
N ALA A 279 -11.85 -7.24 -3.76
CA ALA A 279 -12.11 -7.41 -2.35
C ALA A 279 -13.59 -7.38 -1.99
N LEU A 280 -14.45 -7.05 -2.97
CA LEU A 280 -15.89 -7.01 -2.73
C LEU A 280 -16.41 -8.27 -2.07
N ALA A 281 -15.98 -9.43 -2.57
CA ALA A 281 -16.53 -10.69 -2.09
C ALA A 281 -16.28 -10.90 -0.59
N VAL A 282 -15.07 -10.64 -0.14
CA VAL A 282 -14.77 -10.78 1.27
C VAL A 282 -15.57 -9.76 2.08
N ALA A 283 -15.74 -8.55 1.54
CA ALA A 283 -16.55 -7.54 2.22
C ALA A 283 -17.97 -8.04 2.37
N GLY A 284 -18.49 -8.67 1.32
CA GLY A 284 -19.81 -9.28 1.34
C GLY A 284 -19.94 -10.38 2.38
N ILE A 285 -18.91 -11.23 2.47
CA ILE A 285 -18.88 -12.30 3.46
C ILE A 285 -19.00 -11.72 4.87
N LYS A 286 -18.23 -10.68 5.19
CA LYS A 286 -18.24 -10.10 6.52
C LYS A 286 -19.63 -9.56 6.87
N LYS A 287 -20.25 -8.88 5.90
CA LYS A 287 -21.57 -8.31 6.09
C LYS A 287 -22.62 -9.42 6.24
N TYR A 288 -22.46 -10.50 5.47
CA TYR A 288 -23.37 -11.64 5.55
C TYR A 288 -23.27 -12.38 6.88
N VAL A 289 -22.04 -12.56 7.39
CA VAL A 289 -21.84 -13.31 8.61
C VAL A 289 -22.55 -12.62 9.76
N GLU A 290 -22.43 -11.29 9.81
CA GLU A 290 -23.08 -10.50 10.83
C GLU A 290 -24.61 -10.49 10.68
N ARG A 291 -25.09 -10.29 9.45
CA ARG A 291 -26.52 -10.27 9.19
C ARG A 291 -27.19 -11.60 9.55
N GLU A 292 -26.51 -12.74 9.32
CA GLU A 292 -27.06 -14.06 9.57
C GLU A 292 -26.63 -14.69 10.90
N ARG A 293 -25.74 -14.01 11.63
CA ARG A 293 -25.00 -14.62 12.73
C ARG A 293 -24.55 -16.02 12.34
N ALA A 294 -23.97 -16.14 11.14
CA ALA A 294 -23.52 -17.42 10.63
C ALA A 294 -22.41 -18.00 11.49
N GLU A 295 -22.45 -19.33 11.67
CA GLU A 295 -21.42 -20.05 12.40
C GLU A 295 -21.21 -21.38 11.70
N GLY A 296 -19.95 -21.79 11.60
CA GLY A 296 -19.61 -23.11 11.07
C GLY A 296 -19.90 -23.28 9.58
N GLN A 297 -20.11 -22.17 8.85
CA GLN A 297 -20.34 -22.29 7.42
C GLN A 297 -19.04 -22.25 6.64
N THR A 298 -19.09 -22.78 5.41
CA THR A 298 -18.00 -22.64 4.46
C THR A 298 -18.40 -21.62 3.38
N LEU A 299 -17.63 -20.54 3.30
CA LEU A 299 -17.97 -19.40 2.50
C LEU A 299 -16.79 -19.07 1.60
N VAL A 300 -17.06 -18.99 0.29
CA VAL A 300 -16.04 -18.77 -0.73
C VAL A 300 -16.16 -17.36 -1.31
N ALA A 301 -15.00 -16.68 -1.41
CA ALA A 301 -14.92 -15.37 -2.02
C ALA A 301 -14.09 -15.46 -3.29
N ILE A 302 -14.57 -14.84 -4.37
CA ILE A 302 -13.75 -14.66 -5.55
C ILE A 302 -12.89 -13.42 -5.37
N ASP A 303 -11.58 -13.60 -5.19
CA ASP A 303 -10.62 -12.52 -5.26
C ASP A 303 -10.31 -12.30 -6.73
N SER A 304 -11.10 -11.44 -7.37
CA SER A 304 -11.25 -11.41 -8.81
C SER A 304 -10.12 -10.72 -9.56
N GLY A 305 -9.37 -9.86 -8.88
CA GLY A 305 -8.31 -9.09 -9.52
C GLY A 305 -7.40 -8.34 -8.56
N ALA A 306 -6.23 -7.96 -9.07
CA ALA A 306 -5.22 -7.26 -8.30
C ALA A 306 -4.73 -6.01 -9.01
N ASN A 307 -5.50 -5.49 -9.96
CA ASN A 307 -4.99 -4.39 -10.77
C ASN A 307 -5.40 -3.05 -10.17
N VAL A 308 -4.74 -2.70 -9.07
CA VAL A 308 -4.92 -1.41 -8.44
C VAL A 308 -3.55 -0.74 -8.46
N ASN A 309 -3.53 0.54 -8.83
CA ASN A 309 -2.32 1.35 -8.80
C ASN A 309 -1.75 1.40 -7.38
N PHE A 310 -0.43 1.29 -7.29
CA PHE A 310 0.22 1.17 -6.00
C PHE A 310 -0.14 2.36 -5.10
N ASP A 311 -0.17 3.56 -5.70
CA ASP A 311 -0.41 4.78 -4.96
C ASP A 311 -1.80 4.82 -4.31
N ARG A 312 -2.76 4.04 -4.82
CA ARG A 312 -4.09 3.98 -4.23
C ARG A 312 -4.12 3.28 -2.88
N LEU A 313 -3.03 2.56 -2.56
CA LEU A 313 -2.90 1.94 -1.25
C LEU A 313 -2.87 2.95 -0.11
N ARG A 314 -2.38 4.17 -0.37
CA ARG A 314 -2.37 5.20 0.65
C ARG A 314 -3.78 5.45 1.17
N HIS A 315 -4.70 5.68 0.21
CA HIS A 315 -6.08 5.95 0.57
C HIS A 315 -6.73 4.73 1.20
N VAL A 316 -6.44 3.55 0.64
CA VAL A 316 -7.01 2.31 1.15
C VAL A 316 -6.62 2.15 2.63
N ALA A 317 -5.33 2.36 2.92
CA ALA A 317 -4.85 2.25 4.31
C ALA A 317 -5.45 3.30 5.22
N GLU A 318 -5.64 4.52 4.72
CA GLU A 318 -6.24 5.56 5.53
C GLU A 318 -7.66 5.16 5.93
N ARG A 319 -8.44 4.64 4.99
CA ARG A 319 -9.81 4.29 5.26
C ARG A 319 -9.93 3.04 6.14
N ALA A 320 -9.09 2.02 5.91
CA ALA A 320 -9.11 0.83 6.74
C ALA A 320 -8.71 1.15 8.19
N GLU A 321 -7.83 2.15 8.40
CA GLU A 321 -7.53 2.65 9.74
C GLU A 321 -8.77 3.13 10.51
N LEU A 322 -9.54 4.04 9.90
CA LEU A 322 -10.84 4.46 10.42
C LEU A 322 -11.70 3.22 10.55
N GLY A 323 -12.31 3.01 11.71
CA GLY A 323 -12.87 1.69 12.00
C GLY A 323 -11.68 0.80 12.35
N GLU A 324 -11.83 0.02 13.42
CA GLU A 324 -10.73 -0.35 14.31
C GLU A 324 -10.48 0.78 15.30
N ARG A 325 -10.54 2.04 14.81
CA ARG A 325 -10.32 3.23 15.64
C ARG A 325 -9.19 3.04 16.65
N ARG A 326 -8.04 2.61 16.14
CA ARG A 326 -6.80 2.50 16.89
C ARG A 326 -6.14 3.86 17.10
N GLU A 327 -6.26 4.73 16.09
CA GLU A 327 -5.68 6.06 16.18
C GLU A 327 -6.58 6.98 17.01
N ALA A 328 -6.11 7.36 18.18
CA ALA A 328 -6.76 8.37 18.99
C ALA A 328 -6.33 9.73 18.46
N ILE A 329 -7.28 10.67 18.46
CA ILE A 329 -7.00 12.06 18.16
C ILE A 329 -7.50 12.85 19.37
N ILE A 330 -6.61 13.65 19.95
CA ILE A 330 -6.99 14.46 21.09
C ILE A 330 -6.48 15.88 20.94
N ALA A 331 -7.25 16.83 21.48
CA ALA A 331 -6.83 18.22 21.57
C ALA A 331 -6.46 18.49 23.02
N VAL A 332 -5.19 18.87 23.24
CA VAL A 332 -4.65 19.07 24.57
C VAL A 332 -4.31 20.54 24.77
N THR A 333 -4.85 21.12 25.84
CA THR A 333 -4.52 22.48 26.22
C THR A 333 -3.37 22.47 27.21
N ILE A 334 -2.37 23.33 26.97
CA ILE A 334 -1.26 23.53 27.87
C ILE A 334 -1.08 25.04 28.07
N PRO A 335 -0.46 25.47 29.18
CA PRO A 335 -0.02 26.87 29.29
C PRO A 335 1.10 27.15 28.30
N GLU A 336 1.18 28.42 27.86
CA GLU A 336 2.32 28.93 27.12
C GLU A 336 3.46 29.17 28.08
N ARG A 337 4.37 28.21 28.13
CA ARG A 337 5.53 28.26 29.00
C ARG A 337 6.65 27.62 28.21
N PRO A 338 7.92 28.02 28.44
CA PRO A 338 9.07 27.39 27.78
C PRO A 338 9.05 25.87 27.61
N GLY A 339 8.64 25.11 28.64
CA GLY A 339 8.80 23.67 28.65
C GLY A 339 7.51 22.83 28.62
N SER A 340 6.36 23.48 28.46
CA SER A 340 5.07 22.80 28.56
C SER A 340 4.83 21.79 27.43
N PHE A 341 5.20 22.18 26.19
CA PHE A 341 5.03 21.34 25.02
C PHE A 341 5.82 20.03 25.15
N LYS A 342 7.09 20.16 25.53
CA LYS A 342 7.92 19.02 25.87
C LYS A 342 7.36 18.17 27.03
N ALA A 343 6.95 18.82 28.13
CA ALA A 343 6.47 18.07 29.29
C ALA A 343 5.27 17.23 28.90
N PHE A 344 4.39 17.80 28.05
CA PHE A 344 3.21 17.09 27.61
C PHE A 344 3.59 15.90 26.73
N CYS A 345 4.57 16.11 25.83
CA CYS A 345 5.10 15.01 25.02
C CYS A 345 5.62 13.88 25.92
N GLU A 346 6.27 14.24 27.03
CA GLU A 346 6.72 13.25 27.99
C GLU A 346 5.56 12.43 28.56
N ALA A 347 4.47 13.11 28.94
CA ALA A 347 3.32 12.43 29.52
C ALA A 347 2.71 11.38 28.58
N VAL A 348 2.79 11.62 27.26
CA VAL A 348 2.28 10.67 26.28
C VAL A 348 3.07 9.35 26.26
N GLY A 349 4.34 9.41 26.66
CA GLY A 349 5.16 8.22 26.87
C GLY A 349 5.69 7.62 25.56
N LYS A 350 6.21 6.39 25.67
CA LYS A 350 6.77 5.67 24.55
C LYS A 350 5.70 4.99 23.71
N ARG A 351 4.97 5.80 22.95
CA ARG A 351 3.91 5.31 22.09
C ARG A 351 4.16 5.77 20.66
N GLN A 352 3.49 5.11 19.72
CA GLN A 352 3.45 5.54 18.34
C GLN A 352 2.61 6.81 18.28
N ILE A 353 3.26 7.98 18.28
CA ILE A 353 2.59 9.23 18.00
C ILE A 353 2.44 9.45 16.49
N THR A 354 1.22 9.66 16.02
CA THR A 354 0.97 9.89 14.61
C THR A 354 0.89 11.35 14.19
N GLU A 355 0.58 12.24 15.14
CA GLU A 355 0.43 13.66 14.86
C GLU A 355 0.80 14.39 16.14
N PHE A 356 1.54 15.50 16.02
CA PHE A 356 1.87 16.30 17.18
C PHE A 356 2.07 17.75 16.74
N ASN A 357 0.95 18.47 16.52
CA ASN A 357 0.95 19.71 15.78
C ASN A 357 0.43 20.89 16.60
N TYR A 358 1.11 22.04 16.42
CA TYR A 358 0.82 23.21 17.22
C TYR A 358 1.34 24.46 16.52
N ARG A 359 0.67 25.59 16.79
CA ARG A 359 1.12 26.87 16.27
C ARG A 359 0.61 27.94 17.25
N TYR A 360 1.52 28.82 17.63
CA TYR A 360 1.24 29.82 18.65
C TYR A 360 0.06 30.70 18.25
N HIS A 361 -0.91 30.86 19.15
CA HIS A 361 -2.06 31.70 18.92
C HIS A 361 -2.22 32.85 19.92
N SER A 362 -2.19 32.59 21.24
CA SER A 362 -2.01 33.67 22.19
C SER A 362 -1.16 33.25 23.37
N GLY A 363 -0.68 34.23 24.14
CA GLY A 363 0.10 33.97 25.33
C GLY A 363 -0.70 33.31 26.46
N SER A 364 -2.03 33.29 26.32
CA SER A 364 -2.92 32.79 27.35
C SER A 364 -2.82 31.27 27.50
N GLU A 365 -2.64 30.58 26.37
CA GLU A 365 -2.76 29.14 26.32
C GLU A 365 -2.42 28.60 24.92
N ALA A 366 -2.04 27.32 24.86
CA ALA A 366 -1.69 26.67 23.62
C ALA A 366 -2.49 25.38 23.47
N HIS A 367 -2.76 25.03 22.22
CA HIS A 367 -3.49 23.81 21.90
C HIS A 367 -2.62 22.92 21.01
N ILE A 368 -2.59 21.63 21.34
CA ILE A 368 -1.85 20.66 20.57
C ILE A 368 -2.83 19.65 19.99
N PHE A 369 -2.66 19.41 18.68
CA PHE A 369 -3.39 18.38 17.97
C PHE A 369 -2.53 17.13 18.04
N VAL A 370 -3.02 16.11 18.76
CA VAL A 370 -2.24 14.91 19.01
C VAL A 370 -2.94 13.67 18.44
N GLY A 371 -2.18 12.91 17.65
CA GLY A 371 -2.58 11.58 17.24
C GLY A 371 -1.68 10.54 17.92
N VAL A 372 -2.28 9.45 18.41
CA VAL A 372 -1.56 8.40 19.12
C VAL A 372 -2.19 7.05 18.79
N GLN A 373 -1.38 6.03 18.47
CA GLN A 373 -1.87 4.66 18.36
C GLN A 373 -2.32 4.16 19.73
N THR A 374 -3.43 3.42 19.71
CA THR A 374 -3.99 2.82 20.90
C THR A 374 -4.44 1.41 20.49
N HIS A 375 -4.83 0.64 21.49
CA HIS A 375 -5.28 -0.73 21.31
C HIS A 375 -6.42 -0.98 22.30
N PRO A 376 -7.58 -1.53 21.88
CA PRO A 376 -8.71 -1.70 22.80
C PRO A 376 -8.37 -2.51 24.06
N GLU A 377 -7.57 -3.58 23.91
CA GLU A 377 -7.16 -4.41 25.04
C GLU A 377 -5.86 -3.94 25.68
N ASN A 378 -4.83 -3.71 24.85
CA ASN A 378 -3.47 -3.55 25.34
C ASN A 378 -3.11 -2.14 25.80
N ASP A 379 -3.74 -1.13 25.18
CA ASP A 379 -3.45 0.26 25.50
C ASP A 379 -4.65 1.14 25.14
N PRO A 380 -5.77 1.02 25.89
CA PRO A 380 -7.04 1.62 25.47
C PRO A 380 -7.02 3.15 25.46
N ARG A 381 -7.67 3.73 24.45
CA ARG A 381 -7.78 5.17 24.30
C ARG A 381 -8.35 5.88 25.53
N GLU A 382 -9.43 5.30 26.06
CA GLU A 382 -10.18 5.90 27.18
C GLU A 382 -9.31 6.01 28.43
N ALA A 383 -8.49 4.99 28.67
CA ALA A 383 -7.62 4.99 29.83
C ALA A 383 -6.48 6.00 29.65
N LEU A 384 -5.98 6.12 28.42
CA LEU A 384 -4.95 7.11 28.13
C LEU A 384 -5.46 8.53 28.32
N VAL A 385 -6.69 8.78 27.86
CA VAL A 385 -7.28 10.11 28.02
C VAL A 385 -7.44 10.44 29.50
N ALA A 386 -7.99 9.49 30.27
CA ALA A 386 -8.16 9.68 31.71
C ALA A 386 -6.81 9.88 32.40
N TYR A 387 -5.81 9.10 31.97
CA TYR A 387 -4.43 9.23 32.47
C TYR A 387 -3.90 10.64 32.28
N LEU A 388 -4.09 11.20 31.08
CA LEU A 388 -3.61 12.54 30.79
C LEU A 388 -4.37 13.63 31.54
N ARG A 389 -5.69 13.47 31.64
CA ARG A 389 -6.53 14.39 32.39
C ARG A 389 -6.13 14.39 33.87
N GLU A 390 -5.99 13.18 34.44
CA GLU A 390 -5.62 13.01 35.83
C GLU A 390 -4.26 13.66 36.13
N LYS A 391 -3.39 13.76 35.12
CA LYS A 391 -2.16 14.54 35.24
C LYS A 391 -2.35 16.05 35.11
N GLY A 392 -3.60 16.52 35.00
CA GLY A 392 -3.89 17.95 34.96
C GLY A 392 -3.87 18.57 33.56
N PHE A 393 -4.06 17.74 32.52
CA PHE A 393 -4.17 18.23 31.15
C PHE A 393 -5.62 18.26 30.72
N PRO A 394 -6.17 19.44 30.34
CA PRO A 394 -7.43 19.47 29.59
C PRO A 394 -7.21 18.71 28.27
N VAL A 395 -8.08 17.74 28.03
CA VAL A 395 -8.04 16.92 26.84
C VAL A 395 -9.45 16.83 26.27
N LEU A 396 -9.60 17.13 24.97
CA LEU A 396 -10.81 16.78 24.23
C LEU A 396 -10.50 15.57 23.37
N ASP A 397 -11.39 14.58 23.40
CA ASP A 397 -11.23 13.40 22.58
C ASP A 397 -11.92 13.62 21.23
N LEU A 398 -11.12 13.70 20.17
CA LEU A 398 -11.63 13.99 18.84
C LEU A 398 -11.56 12.78 17.93
N THR A 399 -11.47 11.59 18.53
CA THR A 399 -11.25 10.36 17.77
C THR A 399 -12.41 10.06 16.82
N ASP A 400 -13.63 10.38 17.25
CA ASP A 400 -14.81 10.18 16.42
C ASP A 400 -15.27 11.46 15.71
N ASN A 401 -14.42 12.50 15.76
CA ASN A 401 -14.73 13.77 15.13
C ASN A 401 -14.20 13.74 13.70
N GLU A 402 -15.11 13.60 12.73
CA GLU A 402 -14.72 13.45 11.34
C GLU A 402 -13.93 14.63 10.78
N LEU A 403 -14.37 15.87 11.10
CA LEU A 403 -13.63 17.05 10.70
C LEU A 403 -12.17 16.99 11.16
N ALA A 404 -11.97 16.58 12.42
CA ALA A 404 -10.63 16.46 12.99
C ALA A 404 -9.74 15.54 12.17
N LYS A 405 -10.25 14.35 11.84
CA LYS A 405 -9.45 13.35 11.15
C LYS A 405 -9.25 13.65 9.66
N LEU A 406 -10.30 14.15 9.01
CA LEU A 406 -10.26 14.45 7.59
C LEU A 406 -9.53 15.75 7.23
N HIS A 407 -9.68 16.77 8.09
CA HIS A 407 -9.27 18.13 7.75
C HIS A 407 -8.36 18.83 8.75
N ILE A 408 -8.70 18.85 10.04
CA ILE A 408 -7.94 19.64 10.98
C ILE A 408 -6.51 19.11 11.12
N ARG A 409 -6.37 17.78 10.97
CA ARG A 409 -5.09 17.11 10.85
C ARG A 409 -4.12 17.82 9.92
N HIS A 410 -4.67 18.53 8.93
CA HIS A 410 -3.87 19.18 7.90
C HIS A 410 -3.95 20.70 7.95
N MET A 411 -4.44 21.25 9.06
CA MET A 411 -4.78 22.67 9.10
C MET A 411 -4.27 23.41 10.34
N VAL A 412 -3.48 22.73 11.19
CA VAL A 412 -2.91 23.41 12.34
C VAL A 412 -1.63 24.07 11.87
N GLY A 413 -1.61 25.39 11.95
CA GLY A 413 -0.53 26.20 11.41
C GLY A 413 -1.01 27.63 11.28
N GLY A 414 -1.03 28.16 10.05
CA GLY A 414 -1.42 29.54 9.79
C GLY A 414 -0.33 30.53 10.20
N HIS A 415 -0.67 31.82 9.99
CA HIS A 415 0.26 32.91 10.15
C HIS A 415 0.50 33.23 11.62
N ALA A 416 1.71 33.67 11.94
CA ALA A 416 2.04 34.13 13.27
C ALA A 416 1.12 35.30 13.59
N VAL A 417 0.59 35.32 14.82
CA VAL A 417 -0.36 36.34 15.24
C VAL A 417 0.28 37.73 15.12
N LYS A 418 1.56 37.81 15.54
CA LYS A 418 2.35 39.03 15.53
C LYS A 418 3.65 38.76 14.78
N VAL A 419 4.40 39.84 14.50
CA VAL A 419 5.82 39.77 14.18
C VAL A 419 6.63 39.48 15.46
N SER A 420 7.69 38.67 15.31
CA SER A 420 8.39 38.12 16.45
C SER A 420 9.76 37.59 15.99
N ASP A 421 10.31 36.61 16.72
CA ASP A 421 11.68 36.18 16.49
C ASP A 421 11.72 34.76 15.93
N GLU A 422 10.72 34.43 15.10
CA GLU A 422 10.54 33.06 14.69
C GLU A 422 11.60 32.69 13.67
N MET A 423 12.32 31.60 13.94
CA MET A 423 13.20 30.95 12.98
C MET A 423 12.59 29.56 12.80
N VAL A 424 12.83 28.95 11.64
CA VAL A 424 12.18 27.69 11.29
C VAL A 424 13.24 26.68 10.91
N PHE A 425 13.11 25.48 11.47
CA PHE A 425 14.09 24.44 11.30
C PHE A 425 13.38 23.12 11.03
N ARG A 426 13.85 22.41 10.01
CA ARG A 426 13.38 21.07 9.71
C ARG A 426 14.42 20.08 10.22
N PHE A 427 13.96 18.99 10.82
CA PHE A 427 14.87 17.97 11.33
C PHE A 427 14.41 16.58 10.89
N GLU A 428 15.35 15.63 10.88
CA GLU A 428 15.07 14.23 10.62
C GLU A 428 15.77 13.36 11.64
N PHE A 429 15.07 12.33 12.14
CA PHE A 429 15.63 11.39 13.09
C PHE A 429 15.03 10.00 12.86
N PRO A 430 15.70 8.90 13.26
CA PRO A 430 15.13 7.56 13.08
C PRO A 430 13.81 7.40 13.83
N GLU A 431 12.75 7.00 13.10
CA GLU A 431 11.44 6.89 13.72
C GLU A 431 11.35 5.65 14.62
N ARG A 432 10.79 5.83 15.81
CA ARG A 432 10.84 4.85 16.89
C ARG A 432 9.94 5.40 17.99
N PRO A 433 9.17 4.56 18.73
CA PRO A 433 8.46 5.07 19.91
C PRO A 433 9.42 5.76 20.87
N GLY A 434 9.11 7.01 21.23
CA GLY A 434 9.96 7.81 22.11
C GLY A 434 10.98 8.71 21.41
N ALA A 435 11.16 8.51 20.10
CA ALA A 435 12.08 9.33 19.30
C ALA A 435 11.73 10.82 19.30
N LEU A 436 10.44 11.16 19.20
CA LEU A 436 10.01 12.55 19.27
C LEU A 436 10.42 13.18 20.60
N PHE A 437 10.07 12.53 21.72
CA PHE A 437 10.41 13.05 23.04
C PHE A 437 11.93 13.14 23.22
N ASN A 438 12.64 12.15 22.68
CA ASN A 438 14.09 12.16 22.74
C ASN A 438 14.64 13.35 21.94
N PHE A 439 14.04 13.63 20.77
CA PHE A 439 14.38 14.81 20.00
C PHE A 439 14.17 16.11 20.76
N LEU A 440 12.99 16.26 21.38
CA LEU A 440 12.70 17.45 22.15
C LEU A 440 13.60 17.59 23.37
N THR A 441 14.02 16.46 23.95
CA THR A 441 14.96 16.46 25.06
C THR A 441 16.30 17.01 24.58
N LYS A 442 16.80 16.48 23.47
CA LYS A 442 18.05 16.94 22.90
C LYS A 442 17.98 18.40 22.44
N LEU A 443 16.83 18.81 21.90
CA LEU A 443 16.64 20.18 21.46
C LEU A 443 16.73 21.14 22.64
N GLY A 444 16.23 20.68 23.80
CA GLY A 444 16.28 21.51 24.99
C GLY A 444 15.38 22.74 24.89
N GLY A 445 15.54 23.64 25.86
CA GLY A 445 14.57 24.67 26.16
C GLY A 445 15.11 26.09 26.16
N ARG A 446 16.21 26.36 25.44
CA ARG A 446 16.69 27.73 25.32
C ARG A 446 15.62 28.60 24.69
N TRP A 447 14.89 28.05 23.71
CA TRP A 447 14.00 28.85 22.89
C TRP A 447 12.58 28.28 22.90
N ASN A 448 11.62 29.20 22.95
CA ASN A 448 10.21 28.83 22.90
C ASN A 448 9.89 28.24 21.53
N ILE A 449 9.21 27.10 21.56
CA ILE A 449 8.59 26.55 20.37
C ILE A 449 7.30 27.32 20.09
N SER A 450 7.25 27.97 18.92
CA SER A 450 6.08 28.71 18.48
C SER A 450 5.33 28.01 17.35
N MET A 451 5.90 26.91 16.83
CA MET A 451 5.25 26.15 15.78
C MET A 451 5.86 24.76 15.73
N PHE A 452 5.01 23.76 15.46
CA PHE A 452 5.46 22.39 15.36
C PHE A 452 4.53 21.61 14.44
N HIS A 453 5.13 20.87 13.49
CA HIS A 453 4.39 19.89 12.72
C HIS A 453 5.20 18.59 12.65
N TYR A 454 4.47 17.49 12.88
CA TYR A 454 5.04 16.15 12.95
C TYR A 454 3.94 15.15 12.64
N ARG A 455 4.12 14.40 11.56
CA ARG A 455 3.22 13.31 11.22
C ARG A 455 4.06 12.05 11.12
N ASN A 456 3.46 10.93 11.51
CA ASN A 456 4.11 9.64 11.46
C ASN A 456 3.06 8.57 11.16
N HIS A 457 2.97 8.21 9.88
CA HIS A 457 2.03 7.21 9.42
C HIS A 457 2.86 6.09 8.78
N GLY A 458 3.44 5.25 9.65
CA GLY A 458 4.33 4.18 9.24
C GLY A 458 5.70 4.63 8.77
N ALA A 459 6.14 5.84 9.16
CA ALA A 459 7.36 6.40 8.60
C ALA A 459 8.60 5.70 9.14
N ALA A 460 9.63 5.69 8.30
CA ALA A 460 10.91 5.10 8.63
C ALA A 460 11.78 6.17 9.28
N ASP A 461 11.90 7.30 8.56
CA ASP A 461 12.58 8.49 9.07
C ASP A 461 11.56 9.49 9.64
N GLY A 462 11.72 9.82 10.93
CA GLY A 462 10.94 10.87 11.58
C GLY A 462 11.28 12.23 10.99
N ARG A 463 10.24 13.02 10.71
CA ARG A 463 10.39 14.36 10.16
C ARG A 463 9.59 15.38 10.97
N VAL A 464 10.27 16.45 11.40
CA VAL A 464 9.61 17.53 12.12
C VAL A 464 10.04 18.86 11.54
N VAL A 465 9.12 19.83 11.61
CA VAL A 465 9.48 21.23 11.47
C VAL A 465 9.09 21.93 12.79
N ALA A 466 10.01 22.79 13.25
CA ALA A 466 9.77 23.57 14.45
C ALA A 466 10.03 25.04 14.15
N GLY A 467 9.11 25.89 14.64
CA GLY A 467 9.38 27.32 14.77
C GLY A 467 9.91 27.60 16.18
N LEU A 468 11.04 28.32 16.25
CA LEU A 468 11.67 28.68 17.50
C LEU A 468 11.79 30.20 17.59
N GLN A 469 11.45 30.75 18.75
CA GLN A 469 11.61 32.17 19.04
C GLN A 469 13.05 32.41 19.50
N VAL A 470 13.89 32.83 18.56
CA VAL A 470 15.31 32.99 18.83
C VAL A 470 15.58 34.49 18.75
N PRO A 471 15.80 35.19 19.89
CA PRO A 471 16.17 36.61 19.86
C PRO A 471 17.41 36.78 18.99
N GLU A 472 17.48 37.92 18.30
CA GLU A 472 18.59 38.25 17.43
C GLU A 472 19.95 38.01 18.09
N ASP A 473 20.06 38.43 19.36
CA ASP A 473 21.32 38.35 20.08
C ASP A 473 21.68 36.96 20.63
N GLU A 474 20.83 35.95 20.38
CA GLU A 474 21.15 34.58 20.72
C GLU A 474 21.35 33.68 19.50
N ARG A 475 21.21 34.25 18.29
CA ARG A 475 21.21 33.44 17.07
C ARG A 475 22.57 32.82 16.75
N HIS A 476 23.65 33.44 17.23
CA HIS A 476 24.99 32.88 17.13
C HIS A 476 25.08 31.46 17.70
N LEU A 477 24.20 31.12 18.67
CA LEU A 477 24.21 29.82 19.32
C LEU A 477 23.58 28.70 18.51
N ILE A 478 22.83 29.05 17.46
CA ILE A 478 22.00 28.09 16.74
C ILE A 478 22.80 26.96 16.11
N PRO A 479 23.82 27.21 15.26
CA PRO A 479 24.55 26.10 14.60
C PRO A 479 25.07 25.07 15.59
N GLN A 480 25.76 25.52 16.64
CA GLN A 480 26.32 24.57 17.59
C GLN A 480 25.23 23.82 18.34
N THR A 481 24.17 24.50 18.81
CA THR A 481 23.10 23.85 19.55
C THR A 481 22.42 22.76 18.71
N LEU A 482 22.09 23.10 17.46
CA LEU A 482 21.35 22.19 16.61
C LEU A 482 22.23 21.05 16.11
N GLU A 483 23.49 21.34 15.79
CA GLU A 483 24.42 20.28 15.45
C GLU A 483 24.62 19.30 16.60
N ALA A 484 24.66 19.80 17.85
CA ALA A 484 24.80 18.95 19.01
C ALA A 484 23.69 17.92 19.14
N ILE A 485 22.50 18.24 18.64
CA ILE A 485 21.39 17.29 18.60
C ILE A 485 21.79 15.99 17.87
N GLY A 486 22.59 16.15 16.81
CA GLY A 486 23.21 15.04 16.11
C GLY A 486 22.44 14.57 14.88
N TYR A 487 21.38 15.30 14.53
CA TYR A 487 20.54 14.94 13.41
C TYR A 487 20.75 15.89 12.23
N PRO A 488 20.48 15.44 10.99
CA PRO A 488 20.34 16.38 9.87
C PRO A 488 19.26 17.41 10.17
N TYR A 489 19.56 18.68 9.86
CA TYR A 489 18.59 19.73 10.02
C TYR A 489 18.83 20.79 8.94
N TRP A 490 17.80 21.60 8.66
CA TRP A 490 17.88 22.64 7.67
C TRP A 490 17.21 23.90 8.23
N ASP A 491 17.87 25.04 8.08
CA ASP A 491 17.28 26.32 8.40
C ASP A 491 16.36 26.76 7.27
N GLU A 492 15.06 26.77 7.56
CA GLU A 492 14.03 27.11 6.59
C GLU A 492 13.40 28.48 6.82
N THR A 493 14.08 29.34 7.59
CA THR A 493 13.53 30.64 7.94
C THR A 493 13.21 31.49 6.72
N ALA A 494 14.06 31.38 5.68
CA ALA A 494 13.90 32.14 4.45
C ALA A 494 13.16 31.37 3.36
N ASN A 495 12.65 30.18 3.68
CA ASN A 495 11.91 29.37 2.73
C ASN A 495 10.63 30.10 2.33
N PRO A 496 10.45 30.43 1.04
CA PRO A 496 9.29 31.22 0.59
C PRO A 496 7.94 30.60 0.91
N ALA A 497 7.89 29.27 0.92
CA ALA A 497 6.65 28.59 1.29
C ALA A 497 6.29 28.89 2.75
N TYR A 498 7.30 28.97 3.63
CA TYR A 498 7.08 29.33 5.02
C TYR A 498 6.60 30.79 5.13
N GLN A 499 7.29 31.70 4.44
CA GLN A 499 6.94 33.12 4.50
C GLN A 499 5.52 33.40 4.04
N LEU A 500 5.14 32.84 2.90
CA LEU A 500 3.83 33.07 2.30
C LEU A 500 2.67 32.53 3.13
N PHE A 501 2.79 31.29 3.61
CA PHE A 501 1.68 30.63 4.31
C PHE A 501 1.72 30.70 5.82
N LEU A 502 2.90 30.88 6.40
CA LEU A 502 3.08 30.86 7.85
C LEU A 502 3.82 32.11 8.41
N LEU B 1 33.50 -25.50 0.19
CA LEU B 1 32.78 -25.21 -1.07
C LEU B 1 32.17 -26.49 -1.64
N GLU B 2 33.03 -27.49 -1.87
CA GLU B 2 32.57 -28.83 -2.16
C GLU B 2 31.70 -29.36 -1.04
N GLN B 3 32.14 -29.16 0.21
CA GLN B 3 31.41 -29.63 1.37
C GLN B 3 30.01 -29.00 1.38
N TYR B 4 29.92 -27.70 1.07
CA TYR B 4 28.64 -27.03 1.07
C TYR B 4 27.73 -27.51 -0.05
N VAL B 5 28.31 -27.72 -1.23
CA VAL B 5 27.53 -28.19 -2.36
C VAL B 5 26.94 -29.57 -2.11
N LYS B 6 27.73 -30.48 -1.54
CA LYS B 6 27.20 -31.77 -1.17
C LYS B 6 26.03 -31.65 -0.19
N LYS B 7 26.14 -30.73 0.77
CA LYS B 7 25.04 -30.51 1.71
C LYS B 7 23.82 -29.92 1.02
N ILE B 8 24.03 -29.00 0.09
CA ILE B 8 22.93 -28.44 -0.68
C ILE B 8 22.20 -29.50 -1.50
N LEU B 9 22.97 -30.35 -2.18
CA LEU B 9 22.39 -31.39 -3.01
C LEU B 9 21.64 -32.46 -2.20
N THR B 10 21.98 -32.61 -0.92
CA THR B 10 21.32 -33.61 -0.09
C THR B 10 20.39 -33.00 0.97
N SER B 11 20.02 -31.72 0.81
CA SER B 11 19.24 -31.04 1.81
C SER B 11 17.85 -31.67 1.91
N ARG B 12 17.14 -31.35 2.98
CA ARG B 12 15.79 -31.85 3.22
C ARG B 12 14.71 -30.80 3.01
N VAL B 13 15.05 -29.69 2.35
CA VAL B 13 14.17 -28.53 2.32
C VAL B 13 12.82 -28.82 1.69
N TYR B 14 12.75 -29.77 0.74
CA TYR B 14 11.53 -29.95 -0.04
C TYR B 14 10.46 -30.76 0.67
N ASP B 15 10.71 -31.17 1.92
CA ASP B 15 9.63 -31.62 2.78
C ASP B 15 8.57 -30.55 3.03
N VAL B 16 8.95 -29.26 2.94
CA VAL B 16 8.02 -28.19 3.27
C VAL B 16 8.26 -26.90 2.48
N ALA B 17 9.52 -26.53 2.24
CA ALA B 17 9.78 -25.45 1.30
C ALA B 17 9.41 -25.90 -0.11
N VAL B 18 9.08 -24.93 -0.98
CA VAL B 18 8.73 -25.26 -2.35
C VAL B 18 9.72 -24.63 -3.33
N GLU B 19 9.76 -25.18 -4.53
CA GLU B 19 10.42 -24.55 -5.65
C GLU B 19 9.65 -23.30 -6.02
N THR B 20 10.35 -22.18 -6.20
CA THR B 20 9.68 -20.92 -6.48
C THR B 20 9.95 -20.47 -7.91
N PRO B 21 9.01 -19.74 -8.53
CA PRO B 21 9.23 -19.23 -9.88
C PRO B 21 10.40 -18.26 -9.95
N LEU B 22 11.03 -18.24 -11.14
CA LEU B 22 12.00 -17.23 -11.49
C LEU B 22 11.31 -16.45 -12.61
N GLN B 23 10.74 -15.28 -12.26
CA GLN B 23 9.80 -14.59 -13.12
C GLN B 23 10.42 -13.38 -13.81
N PRO B 24 10.17 -13.17 -15.11
CA PRO B 24 10.60 -11.94 -15.77
C PRO B 24 9.88 -10.73 -15.18
N ALA B 25 10.63 -9.65 -14.96
CA ALA B 25 10.06 -8.37 -14.64
C ALA B 25 10.05 -7.53 -15.91
N ARG B 26 8.92 -7.57 -16.63
CA ARG B 26 8.84 -7.07 -18.00
C ARG B 26 9.10 -5.57 -18.10
N GLN B 27 8.33 -4.77 -17.37
CA GLN B 27 8.45 -3.32 -17.46
C GLN B 27 9.78 -2.80 -16.92
N LEU B 28 10.26 -3.41 -15.84
CA LEU B 28 11.58 -3.07 -15.31
C LEU B 28 12.68 -3.41 -16.32
N SER B 29 12.56 -4.57 -16.99
CA SER B 29 13.50 -4.94 -18.03
C SER B 29 13.55 -3.94 -19.19
N GLU B 30 12.38 -3.49 -19.64
CA GLU B 30 12.28 -2.49 -20.69
C GLU B 30 12.94 -1.18 -20.29
N ARG B 31 12.64 -0.71 -19.07
CA ARG B 31 13.22 0.53 -18.58
C ARG B 31 14.74 0.43 -18.49
N LEU B 32 15.25 -0.70 -17.99
CA LEU B 32 16.67 -0.82 -17.70
C LEU B 32 17.52 -1.29 -18.88
N GLY B 33 16.91 -1.87 -19.92
CA GLY B 33 17.67 -2.42 -21.04
C GLY B 33 18.43 -3.69 -20.69
N ASN B 34 17.95 -4.41 -19.68
CA ASN B 34 18.54 -5.66 -19.25
C ASN B 34 17.41 -6.62 -18.91
N GLN B 35 17.65 -7.92 -19.06
CA GLN B 35 16.68 -8.93 -18.64
C GLN B 35 16.76 -9.11 -17.12
N VAL B 36 15.70 -8.64 -16.43
CA VAL B 36 15.62 -8.77 -14.98
C VAL B 36 14.69 -9.92 -14.62
N LEU B 37 15.16 -10.79 -13.72
CA LEU B 37 14.40 -11.95 -13.31
C LEU B 37 14.24 -11.92 -11.80
N LEU B 38 13.03 -12.23 -11.31
CA LEU B 38 12.74 -12.15 -9.89
C LEU B 38 12.57 -13.56 -9.31
N LYS B 39 13.43 -13.92 -8.36
CA LYS B 39 13.30 -15.20 -7.66
C LYS B 39 12.29 -15.04 -6.53
N ARG B 40 11.15 -15.71 -6.64
CA ARG B 40 9.98 -15.43 -5.82
C ARG B 40 9.95 -16.20 -4.49
N GLU B 41 10.93 -15.96 -3.63
CA GLU B 41 10.97 -16.57 -2.32
C GLU B 41 9.85 -16.10 -1.39
N ASP B 42 9.17 -15.01 -1.77
CA ASP B 42 7.96 -14.59 -1.07
C ASP B 42 6.83 -15.60 -1.18
N LEU B 43 6.91 -16.52 -2.13
CA LEU B 43 5.89 -17.55 -2.31
C LEU B 43 6.09 -18.83 -1.48
N GLN B 44 7.12 -18.84 -0.63
CA GLN B 44 7.25 -19.88 0.39
C GLN B 44 6.08 -19.80 1.36
N PRO B 45 5.72 -20.92 2.02
CA PRO B 45 4.60 -20.93 2.96
C PRO B 45 4.70 -19.94 4.12
N VAL B 46 5.91 -19.53 4.51
CA VAL B 46 6.04 -18.49 5.53
C VAL B 46 6.35 -17.11 4.97
N PHE B 47 6.20 -16.95 3.65
CA PHE B 47 6.39 -15.70 2.92
C PHE B 47 7.82 -15.19 2.96
N SER B 48 8.77 -16.07 3.23
CA SER B 48 10.19 -15.77 3.07
C SER B 48 10.96 -17.07 2.84
N PHE B 49 12.21 -16.95 2.38
CA PHE B 49 13.05 -18.11 2.15
C PHE B 49 13.44 -18.88 3.41
N1 LLP B 50 15.45 -10.92 3.37
C2 LLP B 50 14.49 -11.40 4.15
C2' LLP B 50 13.06 -11.16 3.80
C3 LLP B 50 14.84 -12.15 5.29
O3 LLP B 50 13.86 -12.67 6.10
C4 LLP B 50 16.18 -12.33 5.65
C4' LLP B 50 16.50 -13.18 6.80
C5 LLP B 50 17.17 -11.82 4.80
C6 LLP B 50 16.74 -11.09 3.71
C5' LLP B 50 18.63 -11.95 5.09
OP4 LLP B 50 19.09 -13.31 5.33
P LLP B 50 20.55 -13.54 6.01
OP1 LLP B 50 20.77 -15.04 5.85
OP2 LLP B 50 20.43 -13.10 7.44
OP3 LLP B 50 21.56 -12.70 5.25
N LLP B 50 13.23 -18.30 4.60
CA LLP B 50 13.87 -18.80 5.80
CB LLP B 50 13.66 -17.85 6.98
CG LLP B 50 14.43 -16.53 6.91
CD LLP B 50 15.58 -16.38 7.87
CE LLP B 50 15.89 -14.93 8.32
NZ LLP B 50 15.59 -13.95 7.29
C LLP B 50 13.41 -20.21 6.17
O LLP B 50 14.10 -20.91 6.90
N ILE B 51 12.26 -20.64 5.66
CA ILE B 51 11.81 -22.01 5.85
C ILE B 51 12.84 -23.02 5.32
N ARG B 52 13.58 -22.67 4.26
CA ARG B 52 14.56 -23.59 3.72
C ARG B 52 15.63 -23.95 4.75
N GLY B 53 16.36 -22.93 5.21
CA GLY B 53 17.46 -23.13 6.15
C GLY B 53 17.04 -23.68 7.51
N ALA B 54 15.97 -23.13 8.06
CA ALA B 54 15.48 -23.56 9.35
C ALA B 54 15.07 -25.03 9.31
N TYR B 55 14.35 -25.42 8.25
CA TYR B 55 13.94 -26.81 8.13
C TYR B 55 15.13 -27.75 7.97
N ASN B 56 16.10 -27.35 7.13
CA ASN B 56 17.24 -28.20 6.84
C ASN B 56 18.05 -28.45 8.11
N LYS B 57 18.19 -27.40 8.93
CA LYS B 57 18.87 -27.52 10.20
C LYS B 57 18.14 -28.48 11.15
N VAL B 58 16.84 -28.22 11.35
CA VAL B 58 16.04 -29.01 12.27
C VAL B 58 16.02 -30.49 11.86
N ALA B 59 15.86 -30.73 10.56
CA ALA B 59 15.77 -32.09 10.04
C ALA B 59 17.06 -32.89 10.24
N GLN B 60 18.21 -32.23 10.38
CA GLN B 60 19.48 -32.93 10.55
C GLN B 60 19.74 -33.36 12.00
N LEU B 61 18.93 -32.87 12.94
CA LEU B 61 19.14 -33.17 14.35
C LEU B 61 18.97 -34.66 14.67
N THR B 62 19.56 -35.10 15.77
CA THR B 62 19.39 -36.49 16.23
C THR B 62 17.96 -36.68 16.76
N GLU B 63 17.53 -37.96 16.83
CA GLU B 63 16.23 -38.31 17.36
C GLU B 63 16.08 -37.75 18.77
N GLU B 64 17.20 -37.79 19.51
CA GLU B 64 17.24 -37.31 20.88
C GLU B 64 17.04 -35.80 20.95
N GLU B 65 17.75 -35.05 20.10
CA GLU B 65 17.61 -33.60 20.06
C GLU B 65 16.19 -33.17 19.68
N LYS B 66 15.60 -33.90 18.73
CA LYS B 66 14.25 -33.63 18.27
C LYS B 66 13.22 -33.90 19.38
N ALA B 67 13.50 -34.94 20.17
CA ALA B 67 12.68 -35.29 21.31
C ALA B 67 12.66 -34.15 22.32
N ARG B 68 13.79 -33.45 22.49
CA ARG B 68 13.88 -32.40 23.49
C ARG B 68 13.27 -31.11 22.98
N GLY B 69 13.32 -30.91 21.65
CA GLY B 69 12.80 -29.69 21.06
C GLY B 69 13.87 -28.68 20.63
N VAL B 70 13.40 -27.66 19.89
CA VAL B 70 14.25 -26.64 19.32
C VAL B 70 13.86 -25.29 19.90
N ILE B 71 14.83 -24.36 19.89
CA ILE B 71 14.58 -23.01 20.33
C ILE B 71 15.28 -22.00 19.42
N ALA B 72 14.70 -20.81 19.33
CA ALA B 72 15.33 -19.71 18.66
C ALA B 72 14.99 -18.42 19.39
N ALA B 73 15.72 -17.35 19.05
CA ALA B 73 15.40 -16.01 19.49
C ALA B 73 15.17 -15.16 18.25
N SER B 74 13.91 -14.81 17.98
CA SER B 74 13.56 -14.08 16.79
C SER B 74 12.12 -13.61 16.93
N ALA B 75 11.83 -12.44 16.37
CA ALA B 75 10.47 -11.92 16.31
C ALA B 75 9.95 -11.94 14.88
N GLY B 76 10.73 -12.50 13.94
CA GLY B 76 10.53 -12.18 12.53
C GLY B 76 10.41 -13.38 11.59
N ASN B 77 11.03 -13.27 10.43
CA ASN B 77 10.92 -14.32 9.42
C ASN B 77 11.48 -15.66 9.90
N HIS B 78 12.60 -15.64 10.64
CA HIS B 78 13.21 -16.85 11.16
C HIS B 78 12.27 -17.55 12.13
N ALA B 79 11.64 -16.77 13.01
CA ALA B 79 10.69 -17.30 13.97
C ALA B 79 9.61 -18.12 13.25
N GLN B 80 9.05 -17.55 12.18
CA GLN B 80 8.01 -18.22 11.44
C GLN B 80 8.54 -19.44 10.72
N GLY B 81 9.71 -19.31 10.09
CA GLY B 81 10.34 -20.42 9.40
C GLY B 81 10.59 -21.59 10.35
N LEU B 82 11.13 -21.31 11.55
CA LEU B 82 11.46 -22.36 12.49
C LEU B 82 10.18 -22.98 13.04
N ALA B 83 9.20 -22.14 13.34
CA ALA B 83 7.94 -22.63 13.87
C ALA B 83 7.31 -23.63 12.90
N LEU B 84 7.29 -23.28 11.60
CA LEU B 84 6.67 -24.17 10.63
C LEU B 84 7.51 -25.43 10.48
N ALA B 85 8.84 -25.27 10.47
CA ALA B 85 9.74 -26.39 10.34
C ALA B 85 9.51 -27.42 11.43
N ALA B 86 9.38 -26.91 12.66
CA ALA B 86 9.16 -27.75 13.82
C ALA B 86 7.82 -28.48 13.72
N LYS B 87 6.77 -27.74 13.34
CA LYS B 87 5.46 -28.36 13.15
C LYS B 87 5.52 -29.46 12.10
N ARG B 88 6.24 -29.24 11.01
CA ARG B 88 6.39 -30.25 9.97
C ARG B 88 7.08 -31.52 10.48
N GLN B 89 8.09 -31.37 11.36
CA GLN B 89 8.78 -32.51 11.95
C GLN B 89 8.05 -33.11 13.15
N GLY B 90 6.96 -32.47 13.59
CA GLY B 90 6.23 -32.92 14.76
C GLY B 90 6.99 -32.73 16.07
N ILE B 91 7.82 -31.67 16.14
CA ILE B 91 8.60 -31.41 17.34
C ILE B 91 8.22 -30.09 17.99
N ARG B 92 8.51 -29.99 19.28
CA ARG B 92 8.22 -28.78 20.03
C ARG B 92 9.23 -27.70 19.68
N ALA B 93 8.72 -26.48 19.57
CA ALA B 93 9.53 -25.30 19.29
C ALA B 93 9.22 -24.22 20.32
N VAL B 94 10.28 -23.62 20.86
CA VAL B 94 10.15 -22.45 21.71
C VAL B 94 10.80 -21.30 20.98
N ILE B 95 10.06 -20.19 20.82
CA ILE B 95 10.63 -18.99 20.23
C ILE B 95 10.61 -17.90 21.29
N VAL B 96 11.79 -17.36 21.60
CA VAL B 96 11.92 -16.29 22.57
C VAL B 96 11.97 -15.00 21.76
N MET B 97 11.19 -14.02 22.21
CA MET B 97 11.12 -12.76 21.51
C MET B 97 10.86 -11.65 22.52
N PRO B 98 11.32 -10.41 22.24
CA PRO B 98 11.18 -9.31 23.21
C PRO B 98 9.73 -9.09 23.64
N LYS B 99 9.53 -8.71 24.92
CA LYS B 99 8.23 -8.30 25.44
C LYS B 99 7.57 -7.22 24.61
N THR B 100 8.38 -6.34 24.02
CA THR B 100 7.89 -5.26 23.17
C THR B 100 7.39 -5.74 21.80
N THR B 101 7.69 -6.99 21.42
CA THR B 101 7.33 -7.50 20.10
C THR B 101 5.85 -7.29 19.79
N PRO B 102 5.50 -6.78 18.58
CA PRO B 102 4.08 -6.59 18.23
C PRO B 102 3.27 -7.89 18.27
N GLU B 103 2.01 -7.77 18.72
CA GLU B 103 1.14 -8.91 18.96
C GLU B 103 0.85 -9.74 17.71
N ILE B 104 0.81 -9.10 16.53
CA ILE B 104 0.52 -9.80 15.30
C ILE B 104 1.64 -10.77 14.90
N LYS B 105 2.89 -10.42 15.20
CA LYS B 105 4.02 -11.31 14.95
C LYS B 105 4.06 -12.46 15.96
N VAL B 106 3.69 -12.18 17.22
CA VAL B 106 3.61 -13.20 18.26
C VAL B 106 2.59 -14.27 17.86
N GLN B 107 1.44 -13.84 17.34
CA GLN B 107 0.34 -14.74 16.99
C GLN B 107 0.67 -15.58 15.75
N ALA B 108 1.40 -15.00 14.80
CA ALA B 108 1.87 -15.72 13.62
C ALA B 108 2.71 -16.96 14.00
N VAL B 109 3.57 -16.80 15.00
CA VAL B 109 4.35 -17.90 15.55
C VAL B 109 3.46 -18.92 16.25
N ARG B 110 2.55 -18.45 17.11
CA ARG B 110 1.67 -19.35 17.83
C ARG B 110 0.71 -20.09 16.91
N ALA B 111 0.35 -19.48 15.78
CA ALA B 111 -0.46 -20.11 14.75
C ALA B 111 0.13 -21.43 14.23
N HIS B 112 1.46 -21.54 14.18
CA HIS B 112 2.13 -22.78 13.84
C HIS B 112 2.37 -23.72 15.02
N GLY B 113 1.79 -23.43 16.18
CA GLY B 113 1.87 -24.29 17.35
C GLY B 113 3.19 -24.22 18.14
N ALA B 114 4.01 -23.21 17.85
CA ALA B 114 5.21 -22.93 18.64
C ALA B 114 4.87 -22.14 19.89
N LYS B 115 5.63 -22.38 20.97
CA LYS B 115 5.49 -21.57 22.17
C LYS B 115 6.30 -20.28 22.00
N ALA B 116 5.63 -19.13 22.08
CA ALA B 116 6.29 -17.84 22.01
C ALA B 116 6.47 -17.29 23.42
N VAL B 117 7.72 -17.25 23.91
CA VAL B 117 8.04 -16.76 25.24
C VAL B 117 8.50 -15.31 25.12
N LEU B 118 7.77 -14.41 25.79
CA LEU B 118 8.03 -12.97 25.74
C LEU B 118 9.02 -12.58 26.84
N HIS B 119 10.22 -12.18 26.42
CA HIS B 119 11.32 -11.89 27.35
C HIS B 119 12.33 -10.91 26.76
N GLY B 120 12.64 -9.86 27.52
CA GLY B 120 13.54 -8.80 27.07
C GLY B 120 12.85 -7.58 26.46
N ASP B 121 13.52 -6.40 26.54
CA ASP B 121 13.12 -5.21 25.81
C ASP B 121 13.69 -5.18 24.40
N ALA B 122 14.81 -5.90 24.20
CA ALA B 122 15.45 -6.01 22.90
C ALA B 122 16.05 -7.40 22.68
N PHE B 123 16.47 -7.65 21.43
CA PHE B 123 16.96 -8.96 21.00
C PHE B 123 18.02 -9.58 21.91
N PRO B 124 19.09 -8.84 22.34
CA PRO B 124 20.16 -9.45 23.13
C PRO B 124 19.70 -10.15 24.40
N GLU B 125 18.66 -9.59 25.05
CA GLU B 125 18.10 -10.18 26.27
C GLU B 125 17.30 -11.45 25.96
N ALA B 126 16.50 -11.38 24.89
CA ALA B 126 15.80 -12.53 24.36
C ALA B 126 16.77 -13.67 24.06
N LEU B 127 17.85 -13.33 23.34
CA LEU B 127 18.88 -14.30 22.99
C LEU B 127 19.48 -14.96 24.22
N ALA B 128 19.79 -14.16 25.26
CA ALA B 128 20.40 -14.70 26.46
C ALA B 128 19.46 -15.65 27.20
N HIS B 129 18.16 -15.30 27.20
CA HIS B 129 17.16 -16.16 27.82
C HIS B 129 17.06 -17.51 27.09
N ALA B 130 17.06 -17.44 25.76
CA ALA B 130 17.03 -18.63 24.92
C ALA B 130 18.23 -19.51 25.20
N LEU B 131 19.44 -18.92 25.21
CA LEU B 131 20.67 -19.66 25.44
C LEU B 131 20.70 -20.30 26.82
N LYS B 132 20.07 -19.64 27.80
CA LYS B 132 19.92 -20.23 29.13
C LYS B 132 19.05 -21.48 29.07
N LEU B 133 17.93 -21.39 28.33
CA LEU B 133 17.02 -22.51 28.23
C LEU B 133 17.64 -23.70 27.51
N VAL B 134 18.59 -23.44 26.60
CA VAL B 134 19.36 -24.49 25.95
C VAL B 134 20.00 -25.39 27.00
N ASP B 135 20.62 -24.77 28.03
CA ASP B 135 21.33 -25.52 29.06
C ASP B 135 20.37 -26.12 30.07
N GLU B 136 19.35 -25.34 30.46
CA GLU B 136 18.36 -25.79 31.43
C GLU B 136 17.57 -27.01 30.94
N LYS B 137 17.08 -26.93 29.69
CA LYS B 137 16.10 -27.87 29.14
C LYS B 137 16.63 -28.83 28.06
N GLY B 138 17.83 -28.56 27.53
CA GLY B 138 18.39 -29.40 26.48
C GLY B 138 17.81 -29.13 25.08
N TYR B 139 17.19 -27.95 24.88
CA TYR B 139 16.72 -27.56 23.56
C TYR B 139 17.91 -27.31 22.63
N THR B 140 17.75 -27.63 21.34
CA THR B 140 18.76 -27.29 20.34
C THR B 140 18.45 -25.91 19.74
N PHE B 141 19.41 -24.98 19.90
CA PHE B 141 19.29 -23.65 19.35
C PHE B 141 19.32 -23.71 17.83
N VAL B 142 18.46 -22.96 17.18
CA VAL B 142 18.50 -22.89 15.73
C VAL B 142 18.80 -21.44 15.33
N HIS B 143 20.01 -21.22 14.80
CA HIS B 143 20.47 -19.88 14.46
C HIS B 143 19.82 -19.42 13.15
N PRO B 144 19.42 -18.14 13.04
CA PRO B 144 18.85 -17.61 11.80
C PRO B 144 19.72 -17.68 10.55
N TYR B 145 21.04 -17.70 10.74
CA TYR B 145 21.94 -17.68 9.59
C TYR B 145 23.28 -18.37 9.78
N ASP B 146 23.81 -18.38 11.00
CA ASP B 146 25.20 -18.75 11.19
C ASP B 146 25.36 -20.23 11.55
N ASP B 147 25.01 -21.09 10.60
CA ASP B 147 24.98 -22.53 10.84
C ASP B 147 25.14 -23.21 9.49
N PRO B 148 26.08 -24.17 9.31
CA PRO B 148 26.30 -24.79 8.01
C PRO B 148 25.05 -25.40 7.38
N ASP B 149 24.21 -26.05 8.19
CA ASP B 149 23.00 -26.65 7.66
C ASP B 149 21.98 -25.61 7.20
N THR B 150 21.91 -24.48 7.91
CA THR B 150 21.11 -23.32 7.49
C THR B 150 21.60 -22.75 6.17
N ILE B 151 22.91 -22.52 6.08
CA ILE B 151 23.54 -22.03 4.86
C ILE B 151 23.20 -22.95 3.68
N ALA B 152 23.32 -24.27 3.90
CA ALA B 152 23.10 -25.24 2.85
C ALA B 152 21.64 -25.21 2.37
N GLY B 153 20.72 -25.07 3.34
CA GLY B 153 19.31 -24.93 3.03
C GLY B 153 19.02 -23.70 2.20
N GLN B 154 19.58 -22.55 2.60
CA GLN B 154 19.39 -21.34 1.82
C GLN B 154 19.96 -21.49 0.41
N GLY B 155 21.07 -22.24 0.30
CA GLY B 155 21.74 -22.47 -0.97
C GLY B 155 20.89 -23.16 -2.03
N THR B 156 19.85 -23.88 -1.59
CA THR B 156 18.93 -24.47 -2.54
C THR B 156 18.30 -23.42 -3.46
N VAL B 157 18.24 -22.17 -3.01
CA VAL B 157 17.81 -21.07 -3.87
C VAL B 157 18.65 -20.99 -5.14
N ALA B 158 19.98 -21.08 -4.98
CA ALA B 158 20.88 -21.01 -6.13
C ALA B 158 20.76 -22.24 -7.01
N MET B 159 20.57 -23.40 -6.36
CA MET B 159 20.41 -24.65 -7.07
C MET B 159 19.24 -24.53 -8.04
N GLU B 160 18.14 -23.93 -7.58
CA GLU B 160 16.98 -23.73 -8.43
C GLU B 160 17.27 -22.73 -9.56
N ILE B 161 17.84 -21.58 -9.21
CA ILE B 161 18.09 -20.52 -10.17
C ILE B 161 18.93 -21.00 -11.34
N LEU B 162 20.01 -21.74 -11.05
CA LEU B 162 20.93 -22.20 -12.09
C LEU B 162 20.29 -23.25 -12.97
N ARG B 163 19.36 -24.02 -12.42
CA ARG B 163 18.56 -24.95 -13.20
C ARG B 163 17.53 -24.21 -14.06
N GLN B 164 16.93 -23.13 -13.52
CA GLN B 164 15.86 -22.41 -14.19
C GLN B 164 16.39 -21.46 -15.27
N GLN B 165 17.62 -20.98 -15.12
CA GLN B 165 18.23 -20.04 -16.05
C GLN B 165 19.58 -20.62 -16.45
N PRO B 166 19.60 -21.70 -17.26
CA PRO B 166 20.86 -22.36 -17.63
C PRO B 166 21.70 -21.55 -18.62
N GLY B 167 21.05 -20.64 -19.37
CA GLY B 167 21.75 -19.79 -20.31
C GLY B 167 22.38 -18.58 -19.63
N ARG B 168 22.46 -17.46 -20.35
CA ARG B 168 23.17 -16.30 -19.87
C ARG B 168 22.63 -15.81 -18.52
N LEU B 169 23.57 -15.55 -17.60
CA LEU B 169 23.25 -15.06 -16.28
C LEU B 169 24.48 -14.31 -15.79
N ASP B 170 24.41 -12.97 -15.79
CA ASP B 170 25.56 -12.14 -15.49
C ASP B 170 25.77 -12.00 -13.99
N ALA B 171 24.68 -11.87 -13.24
CA ALA B 171 24.81 -11.56 -11.83
C ALA B 171 23.54 -11.88 -11.06
N ILE B 172 23.73 -12.37 -9.82
CA ILE B 172 22.66 -12.60 -8.88
C ILE B 172 22.80 -11.65 -7.70
N PHE B 173 21.72 -10.92 -7.41
CA PHE B 173 21.67 -9.91 -6.37
C PHE B 173 20.91 -10.45 -5.17
N VAL B 174 21.55 -10.40 -4.00
CA VAL B 174 21.07 -11.08 -2.80
C VAL B 174 21.03 -10.11 -1.61
N PRO B 175 19.90 -10.01 -0.88
CA PRO B 175 19.86 -9.20 0.34
C PRO B 175 20.71 -9.88 1.41
N VAL B 176 21.39 -9.06 2.23
CA VAL B 176 22.28 -9.59 3.24
C VAL B 176 21.96 -9.05 4.63
N GLY B 177 21.51 -9.96 5.49
CA GLY B 177 21.40 -9.70 6.91
C GLY B 177 22.67 -10.21 7.57
N GLY B 178 22.61 -11.44 8.09
CA GLY B 178 23.78 -12.09 8.68
C GLY B 178 24.59 -12.94 7.71
N GLY B 179 24.09 -13.08 6.48
CA GLY B 179 24.83 -13.69 5.39
C GLY B 179 24.56 -15.16 5.09
N GLY B 180 23.50 -15.73 5.67
CA GLY B 180 23.15 -17.12 5.40
C GLY B 180 22.72 -17.33 3.96
N LEU B 181 21.79 -16.48 3.50
CA LEU B 181 21.25 -16.58 2.15
C LEU B 181 22.38 -16.41 1.12
N VAL B 182 23.11 -15.30 1.21
CA VAL B 182 24.14 -15.03 0.23
C VAL B 182 25.31 -16.02 0.31
N ALA B 183 25.64 -16.52 1.52
CA ALA B 183 26.70 -17.50 1.63
C ALA B 183 26.32 -18.81 0.94
N GLY B 184 25.09 -19.26 1.14
CA GLY B 184 24.64 -20.49 0.51
C GLY B 184 24.59 -20.36 -1.01
N ILE B 185 24.12 -19.20 -1.50
CA ILE B 185 24.05 -18.94 -2.92
C ILE B 185 25.46 -18.82 -3.51
N ALA B 186 26.34 -18.10 -2.81
CA ALA B 186 27.68 -17.91 -3.31
C ALA B 186 28.41 -19.25 -3.39
N ALA B 187 28.22 -20.09 -2.37
CA ALA B 187 28.89 -21.38 -2.35
C ALA B 187 28.56 -22.18 -3.61
N TYR B 188 27.26 -22.27 -3.90
CA TYR B 188 26.78 -23.07 -5.01
C TYR B 188 27.18 -22.47 -6.36
N VAL B 189 27.01 -21.15 -6.49
CA VAL B 189 27.31 -20.44 -7.72
C VAL B 189 28.79 -20.49 -8.06
N LYS B 190 29.64 -20.17 -7.07
CA LYS B 190 31.07 -20.13 -7.35
C LYS B 190 31.63 -21.53 -7.60
N TYR B 191 30.93 -22.57 -7.15
CA TYR B 191 31.34 -23.93 -7.45
C TYR B 191 31.00 -24.31 -8.88
N LEU B 192 29.74 -24.07 -9.27
CA LEU B 192 29.22 -24.56 -10.52
C LEU B 192 29.44 -23.62 -11.70
N ARG B 193 29.19 -22.33 -11.47
CA ARG B 193 29.25 -21.37 -12.56
C ARG B 193 29.91 -20.10 -12.05
N PRO B 194 31.24 -20.13 -11.81
CA PRO B 194 31.93 -19.01 -11.19
C PRO B 194 31.95 -17.72 -12.01
N GLU B 195 31.64 -17.79 -13.30
CA GLU B 195 31.53 -16.59 -14.14
C GLU B 195 30.38 -15.68 -13.71
N ILE B 196 29.39 -16.24 -13.00
CA ILE B 196 28.29 -15.43 -12.48
C ILE B 196 28.74 -14.61 -11.27
N LYS B 197 28.48 -13.30 -11.30
CA LYS B 197 28.75 -12.46 -10.14
C LYS B 197 27.70 -12.65 -9.05
N VAL B 198 28.15 -12.71 -7.80
CA VAL B 198 27.26 -12.76 -6.66
C VAL B 198 27.38 -11.44 -5.93
N ILE B 199 26.32 -10.64 -5.99
CA ILE B 199 26.35 -9.29 -5.46
C ILE B 199 25.40 -9.17 -4.29
N GLY B 200 25.97 -8.89 -3.11
CA GLY B 200 25.18 -8.58 -1.94
C GLY B 200 24.56 -7.20 -2.03
N VAL B 201 23.37 -7.05 -1.43
CA VAL B 201 22.74 -5.75 -1.30
C VAL B 201 22.30 -5.56 0.14
N GLU B 202 22.73 -4.43 0.72
CA GLU B 202 22.41 -4.05 2.09
C GLU B 202 21.87 -2.62 2.12
N PRO B 203 21.04 -2.27 3.12
CA PRO B 203 20.69 -0.87 3.35
C PRO B 203 21.92 -0.09 3.80
N ASP B 204 21.96 1.21 3.47
CA ASP B 204 22.98 2.10 4.01
C ASP B 204 23.08 1.99 5.53
N GLU B 205 21.93 1.88 6.19
CA GLU B 205 21.89 1.81 7.64
C GLU B 205 22.25 0.45 8.26
N SER B 206 22.42 -0.59 7.42
CA SER B 206 22.77 -1.92 7.90
C SER B 206 23.69 -2.66 6.93
N ASN B 207 24.94 -2.21 6.86
CA ASN B 207 25.85 -2.70 5.83
C ASN B 207 26.95 -3.56 6.44
N CYS B 208 26.56 -4.55 7.26
CA CYS B 208 27.52 -5.30 8.05
C CYS B 208 28.47 -6.14 7.18
N LEU B 209 27.97 -6.69 6.06
CA LEU B 209 28.83 -7.46 5.17
C LEU B 209 29.77 -6.53 4.38
N GLN B 210 29.23 -5.43 3.85
CA GLN B 210 30.06 -4.50 3.09
C GLN B 210 31.22 -4.00 3.95
N ALA B 211 30.95 -3.63 5.19
CA ALA B 211 31.96 -3.12 6.10
C ALA B 211 32.96 -4.20 6.47
N ALA B 212 32.48 -5.42 6.65
CA ALA B 212 33.33 -6.54 7.01
C ALA B 212 34.31 -6.89 5.88
N MET B 213 33.78 -6.88 4.65
CA MET B 213 34.59 -7.15 3.48
C MET B 213 35.66 -6.07 3.31
N ALA B 214 35.28 -4.80 3.50
CA ALA B 214 36.23 -3.69 3.40
C ALA B 214 37.32 -3.77 4.48
N ALA B 215 36.92 -4.17 5.71
CA ALA B 215 37.85 -4.23 6.83
C ALA B 215 38.59 -5.56 6.92
N GLY B 216 38.11 -6.59 6.19
CA GLY B 216 38.71 -7.91 6.27
C GLY B 216 38.49 -8.60 7.61
N GLU B 217 37.53 -8.11 8.40
CA GLU B 217 37.14 -8.78 9.64
C GLU B 217 35.68 -8.44 9.98
N ARG B 218 35.15 -9.14 10.97
CA ARG B 218 33.73 -9.09 11.28
C ARG B 218 33.39 -7.90 12.18
N VAL B 219 33.36 -6.70 11.59
CA VAL B 219 33.07 -5.49 12.34
C VAL B 219 31.65 -5.51 12.88
N VAL B 220 31.47 -4.83 14.02
CA VAL B 220 30.19 -4.69 14.68
C VAL B 220 29.73 -3.25 14.41
N LEU B 221 28.61 -3.12 13.71
CA LEU B 221 27.99 -1.82 13.49
C LEU B 221 27.49 -1.25 14.81
N GLY B 222 27.62 0.07 14.98
CA GLY B 222 27.12 0.76 16.15
C GLY B 222 25.61 0.72 16.31
N GLN B 223 24.89 0.65 15.18
CA GLN B 223 23.45 0.43 15.18
C GLN B 223 22.99 0.04 13.78
N VAL B 224 21.74 -0.45 13.69
CA VAL B 224 21.16 -0.90 12.44
C VAL B 224 19.87 -0.13 12.19
N GLY B 225 19.56 0.14 10.92
CA GLY B 225 18.31 0.79 10.57
C GLY B 225 17.11 -0.11 10.83
N LEU B 226 15.99 0.48 11.22
CA LEU B 226 14.77 -0.26 11.53
C LEU B 226 13.89 -0.52 10.31
N PHE B 227 14.09 0.27 9.25
CA PHE B 227 13.22 0.19 8.10
C PHE B 227 13.30 -1.18 7.44
N ALA B 228 14.53 -1.60 7.07
CA ALA B 228 14.73 -2.91 6.50
C ALA B 228 14.96 -3.92 7.64
N ASP B 229 13.87 -4.28 8.30
CA ASP B 229 13.93 -5.04 9.54
C ASP B 229 14.39 -6.48 9.30
N GLY B 230 14.16 -7.00 8.07
CA GLY B 230 14.63 -8.33 7.72
C GLY B 230 16.15 -8.51 7.75
N VAL B 231 16.90 -7.41 7.62
CA VAL B 231 18.36 -7.47 7.59
C VAL B 231 19.02 -6.60 8.67
N ALA B 232 18.29 -6.41 9.79
CA ALA B 232 18.78 -5.64 10.92
C ALA B 232 19.78 -6.47 11.73
N VAL B 233 21.01 -6.59 11.20
CA VAL B 233 22.03 -7.43 11.80
C VAL B 233 23.31 -6.61 11.86
N ALA B 234 23.85 -6.45 13.08
CA ALA B 234 24.99 -5.58 13.33
C ALA B 234 26.33 -6.22 12.93
N GLN B 235 26.40 -7.55 12.94
CA GLN B 235 27.65 -8.24 12.68
C GLN B 235 27.43 -9.47 11.81
N ILE B 236 28.23 -9.59 10.74
CA ILE B 236 28.16 -10.72 9.83
C ILE B 236 28.48 -12.01 10.58
N GLY B 237 27.77 -13.08 10.24
CA GLY B 237 28.03 -14.38 10.83
C GLY B 237 29.46 -14.84 10.58
N GLN B 238 29.92 -15.76 11.43
CA GLN B 238 31.26 -16.33 11.30
C GLN B 238 31.32 -17.32 10.13
N HIS B 239 30.44 -18.33 10.14
CA HIS B 239 30.41 -19.30 9.06
C HIS B 239 30.06 -18.63 7.73
N THR B 240 29.19 -17.61 7.77
CA THR B 240 28.79 -16.92 6.56
C THR B 240 29.94 -16.07 6.01
N PHE B 241 30.64 -15.32 6.87
CA PHE B 241 31.75 -14.51 6.41
C PHE B 241 32.90 -15.35 5.83
N ASP B 242 33.10 -16.55 6.36
CA ASP B 242 34.15 -17.44 5.86
C ASP B 242 33.92 -17.79 4.38
N ILE B 243 32.66 -17.88 3.96
CA ILE B 243 32.34 -18.00 2.55
C ILE B 243 32.37 -16.67 1.81
N CYS B 244 31.69 -15.65 2.38
CA CYS B 244 31.49 -14.39 1.68
C CYS B 244 32.78 -13.67 1.34
N LYS B 245 33.75 -13.71 2.26
CA LYS B 245 34.95 -12.91 2.11
C LYS B 245 35.63 -13.21 0.80
N ASP B 246 35.54 -14.46 0.32
CA ASP B 246 36.16 -14.84 -0.94
C ASP B 246 35.21 -15.01 -2.12
N HIS B 247 33.92 -15.25 -1.85
CA HIS B 247 33.03 -15.72 -2.89
C HIS B 247 31.87 -14.77 -3.22
N VAL B 248 31.75 -13.66 -2.47
CA VAL B 248 30.84 -12.58 -2.83
C VAL B 248 31.69 -11.53 -3.54
N ASP B 249 31.23 -11.08 -4.72
CA ASP B 249 32.03 -10.18 -5.53
C ASP B 249 32.04 -8.77 -4.96
N GLU B 250 30.92 -8.34 -4.36
CA GLU B 250 30.84 -7.02 -3.76
C GLU B 250 29.48 -6.88 -3.10
N VAL B 251 29.35 -5.83 -2.27
CA VAL B 251 28.08 -5.44 -1.70
C VAL B 251 27.75 -4.02 -2.17
N ILE B 252 26.54 -3.84 -2.71
CA ILE B 252 26.01 -2.54 -3.04
C ILE B 252 25.06 -2.16 -1.91
N THR B 253 25.11 -0.88 -1.50
CA THR B 253 24.17 -0.37 -0.51
C THR B 253 23.14 0.52 -1.19
N VAL B 254 21.93 0.54 -0.60
CA VAL B 254 20.82 1.34 -1.10
C VAL B 254 20.12 2.04 0.06
N SER B 255 19.41 3.12 -0.27
CA SER B 255 18.68 3.90 0.71
C SER B 255 17.25 3.44 0.89
N THR B 256 16.60 3.98 1.93
CA THR B 256 15.20 3.71 2.19
C THR B 256 14.33 4.04 0.99
N ASP B 257 14.56 5.21 0.39
CA ASP B 257 13.73 5.64 -0.74
C ASP B 257 13.96 4.75 -1.96
N GLU B 258 15.20 4.31 -2.19
CA GLU B 258 15.49 3.36 -3.25
C GLU B 258 14.75 2.03 -3.02
N ILE B 259 14.67 1.61 -1.77
CA ILE B 259 13.95 0.40 -1.43
C ILE B 259 12.46 0.56 -1.73
N CYS B 260 11.91 1.73 -1.34
CA CYS B 260 10.50 1.99 -1.54
C CYS B 260 10.17 1.95 -3.02
N ALA B 261 11.04 2.53 -3.86
CA ALA B 261 10.79 2.54 -5.30
C ALA B 261 10.87 1.12 -5.85
N ALA B 262 11.79 0.30 -5.30
CA ALA B 262 11.87 -1.09 -5.74
C ALA B 262 10.63 -1.91 -5.33
N ILE B 263 10.07 -1.64 -4.15
CA ILE B 263 8.85 -2.33 -3.75
C ILE B 263 7.75 -2.07 -4.78
N LYS B 264 7.60 -0.81 -5.19
CA LYS B 264 6.62 -0.48 -6.23
C LYS B 264 6.93 -1.12 -7.58
N ASP B 265 8.19 -1.08 -8.01
CA ASP B 265 8.59 -1.71 -9.26
C ASP B 265 8.21 -3.19 -9.30
N ILE B 266 8.47 -3.90 -8.21
CA ILE B 266 8.15 -5.32 -8.14
C ILE B 266 6.64 -5.52 -8.23
N TYR B 267 5.92 -4.70 -7.49
CA TYR B 267 4.46 -4.73 -7.54
C TYR B 267 3.95 -4.45 -8.96
N ASP B 268 4.54 -3.46 -9.63
CA ASP B 268 4.09 -3.09 -10.98
C ASP B 268 4.28 -4.21 -11.99
N ASP B 269 5.30 -5.06 -11.79
CA ASP B 269 5.51 -6.18 -12.70
C ASP B 269 4.86 -7.50 -12.30
N THR B 270 4.61 -7.71 -10.99
CA THR B 270 4.15 -8.98 -10.48
C THR B 270 2.89 -9.00 -9.63
N ARG B 271 2.48 -7.81 -9.17
CA ARG B 271 1.44 -7.58 -8.17
C ARG B 271 1.77 -8.17 -6.81
N SER B 272 3.04 -8.51 -6.58
CA SER B 272 3.43 -9.05 -5.31
C SER B 272 4.01 -7.90 -4.50
N ILE B 273 3.80 -7.98 -3.18
CA ILE B 273 4.38 -7.08 -2.22
C ILE B 273 5.62 -7.69 -1.58
N THR B 274 6.74 -6.96 -1.63
CA THR B 274 7.92 -7.34 -0.88
C THR B 274 8.03 -6.47 0.35
N GLU B 275 8.54 -7.06 1.43
CA GLU B 275 9.00 -6.28 2.57
C GLU B 275 10.30 -5.59 2.15
N PRO B 276 10.72 -4.53 2.88
CA PRO B 276 11.95 -3.81 2.50
C PRO B 276 13.14 -4.72 2.22
N ALA B 277 13.40 -5.70 3.10
CA ALA B 277 14.53 -6.61 2.88
C ALA B 277 14.36 -7.37 1.57
N GLY B 278 13.10 -7.65 1.22
CA GLY B 278 12.79 -8.40 0.01
C GLY B 278 12.94 -7.62 -1.29
N ALA B 279 12.99 -6.28 -1.21
CA ALA B 279 13.14 -5.42 -2.37
C ALA B 279 14.56 -4.91 -2.54
N LEU B 280 15.44 -5.16 -1.55
CA LEU B 280 16.83 -4.74 -1.66
C LEU B 280 17.46 -5.16 -2.98
N ALA B 281 17.24 -6.40 -3.40
CA ALA B 281 17.93 -6.92 -4.57
C ALA B 281 17.60 -6.14 -5.85
N VAL B 282 16.32 -5.85 -6.05
CA VAL B 282 15.92 -5.05 -7.19
C VAL B 282 16.49 -3.64 -7.10
N ALA B 283 16.53 -3.09 -5.88
CA ALA B 283 17.12 -1.77 -5.69
C ALA B 283 18.60 -1.79 -6.09
N GLY B 284 19.29 -2.87 -5.69
CA GLY B 284 20.67 -3.06 -6.06
C GLY B 284 20.87 -3.16 -7.58
N ILE B 285 19.98 -3.90 -8.23
CA ILE B 285 20.02 -4.04 -9.69
C ILE B 285 19.93 -2.67 -10.36
N LYS B 286 18.98 -1.84 -9.93
CA LYS B 286 18.79 -0.53 -10.54
C LYS B 286 20.04 0.33 -10.39
N LYS B 287 20.63 0.30 -9.20
CA LYS B 287 21.82 1.07 -8.90
C LYS B 287 23.02 0.54 -9.69
N TYR B 288 23.09 -0.79 -9.84
CA TYR B 288 24.15 -1.41 -10.63
C TYR B 288 24.04 -1.08 -12.11
N VAL B 289 22.82 -1.08 -12.66
CA VAL B 289 22.64 -0.85 -14.09
C VAL B 289 23.12 0.55 -14.46
N GLU B 290 22.81 1.52 -13.60
CA GLU B 290 23.24 2.89 -13.81
C GLU B 290 24.74 3.06 -13.63
N ARG B 291 25.29 2.47 -12.56
CA ARG B 291 26.72 2.55 -12.30
C ARG B 291 27.55 1.93 -13.43
N GLU B 292 27.06 0.83 -14.03
CA GLU B 292 27.81 0.13 -15.07
C GLU B 292 27.36 0.45 -16.50
N ARG B 293 26.31 1.29 -16.63
CA ARG B 293 25.61 1.46 -17.89
C ARG B 293 25.40 0.10 -18.55
N ALA B 294 24.97 -0.88 -17.76
CA ALA B 294 24.75 -2.23 -18.26
C ALA B 294 23.69 -2.27 -19.35
N GLU B 295 23.90 -3.10 -20.37
CA GLU B 295 22.95 -3.33 -21.44
C GLU B 295 23.02 -4.79 -21.82
N GLY B 296 21.85 -5.40 -22.08
CA GLY B 296 21.81 -6.76 -22.59
C GLY B 296 22.21 -7.82 -21.56
N GLN B 297 22.29 -7.47 -20.29
CA GLN B 297 22.66 -8.45 -19.28
C GLN B 297 21.43 -9.16 -18.73
N THR B 298 21.67 -10.34 -18.14
CA THR B 298 20.65 -11.06 -17.39
C THR B 298 20.98 -10.96 -15.91
N LEU B 299 20.06 -10.36 -15.16
CA LEU B 299 20.29 -9.99 -13.78
C LEU B 299 19.15 -10.55 -12.92
N VAL B 300 19.51 -11.32 -11.89
CA VAL B 300 18.55 -11.97 -11.03
C VAL B 300 18.49 -11.31 -9.65
N ALA B 301 17.27 -11.07 -9.15
CA ALA B 301 17.05 -10.55 -7.82
C ALA B 301 16.34 -11.60 -6.96
N ILE B 302 16.81 -11.77 -5.73
CA ILE B 302 16.09 -12.58 -4.77
C ILE B 302 15.05 -11.72 -4.09
N ASP B 303 13.76 -11.97 -4.42
CA ASP B 303 12.67 -11.35 -3.67
C ASP B 303 12.45 -12.20 -2.42
N SER B 304 13.16 -11.85 -1.36
CA SER B 304 13.39 -12.76 -0.24
C SER B 304 12.23 -12.93 0.75
N GLY B 305 11.34 -11.95 0.79
CA GLY B 305 10.25 -11.97 1.76
C GLY B 305 9.16 -10.93 1.48
N ALA B 306 8.00 -11.14 2.11
CA ALA B 306 6.84 -10.28 1.94
C ALA B 306 6.21 -9.93 3.28
N ASN B 307 6.97 -10.08 4.39
CA ASN B 307 6.36 -9.85 5.70
C ASN B 307 6.50 -8.40 6.12
N VAL B 308 5.70 -7.54 5.50
CA VAL B 308 5.61 -6.14 5.86
C VAL B 308 4.15 -5.90 6.22
N ASN B 309 3.91 -5.22 7.34
CA ASN B 309 2.57 -4.90 7.78
C ASN B 309 1.92 -3.94 6.80
N PHE B 310 0.61 -4.13 6.62
CA PHE B 310 -0.20 -3.28 5.78
C PHE B 310 0.03 -1.79 6.02
N ASP B 311 0.11 -1.39 7.29
CA ASP B 311 0.25 0.01 7.63
C ASP B 311 1.54 0.67 7.13
N ARG B 312 2.54 -0.16 6.85
CA ARG B 312 3.81 0.34 6.33
C ARG B 312 3.71 0.65 4.84
N LEU B 313 2.70 0.10 4.16
CA LEU B 313 2.58 0.25 2.72
C LEU B 313 2.20 1.68 2.35
N ARG B 314 1.46 2.34 3.25
CA ARG B 314 1.09 3.71 3.03
C ARG B 314 2.35 4.56 2.91
N HIS B 315 3.30 4.37 3.83
CA HIS B 315 4.52 5.14 3.81
C HIS B 315 5.35 4.78 2.58
N VAL B 316 5.41 3.48 2.26
CA VAL B 316 6.17 3.02 1.11
C VAL B 316 5.65 3.72 -0.14
N ALA B 317 4.31 3.73 -0.31
CA ALA B 317 3.70 4.38 -1.45
C ALA B 317 3.93 5.88 -1.46
N GLU B 318 3.92 6.53 -0.28
CA GLU B 318 4.20 7.96 -0.22
C GLU B 318 5.61 8.26 -0.73
N ARG B 319 6.60 7.47 -0.30
CA ARG B 319 7.97 7.69 -0.72
C ARG B 319 8.21 7.36 -2.19
N ALA B 320 7.64 6.26 -2.68
CA ALA B 320 7.79 5.89 -4.09
C ALA B 320 7.13 6.92 -5.02
N GLU B 321 6.03 7.53 -4.55
CA GLU B 321 5.35 8.59 -5.27
C GLU B 321 6.28 9.78 -5.58
N LEU B 322 7.04 10.24 -4.57
CA LEU B 322 8.01 11.30 -4.78
C LEU B 322 8.93 11.10 -5.98
N GLY B 323 9.39 9.89 -6.23
CA GLY B 323 10.24 9.63 -7.38
C GLY B 323 9.60 10.00 -8.72
N GLU B 324 8.27 9.90 -8.78
CA GLU B 324 7.51 9.94 -10.02
C GLU B 324 7.39 11.32 -10.65
N ARG B 325 7.65 12.39 -9.86
CA ARG B 325 7.54 13.77 -10.31
C ARG B 325 6.28 14.00 -11.14
N ARG B 326 5.13 13.53 -10.62
CA ARG B 326 3.83 13.82 -11.21
C ARG B 326 3.22 15.04 -10.55
N GLU B 327 3.31 15.11 -9.22
CA GLU B 327 2.64 16.14 -8.46
C GLU B 327 3.44 17.44 -8.49
N ALA B 328 2.87 18.46 -9.14
CA ALA B 328 3.37 19.82 -8.98
C ALA B 328 2.77 20.40 -7.70
N ILE B 329 3.57 21.20 -6.99
CA ILE B 329 3.08 21.98 -5.87
C ILE B 329 3.37 23.44 -6.20
N ILE B 330 2.33 24.27 -6.22
CA ILE B 330 2.50 25.67 -6.53
C ILE B 330 1.70 26.53 -5.57
N ALA B 331 2.25 27.72 -5.26
CA ALA B 331 1.55 28.70 -4.46
C ALA B 331 1.05 29.78 -5.40
N VAL B 332 -0.27 29.96 -5.45
CA VAL B 332 -0.91 30.85 -6.40
C VAL B 332 -1.59 31.98 -5.65
N THR B 333 -1.25 33.21 -6.04
CA THR B 333 -1.90 34.39 -5.51
C THR B 333 -3.08 34.76 -6.42
N ILE B 334 -4.24 35.01 -5.81
CA ILE B 334 -5.42 35.39 -6.55
C ILE B 334 -5.63 36.89 -6.36
N PRO B 335 -5.39 37.72 -7.40
CA PRO B 335 -5.74 39.15 -7.34
C PRO B 335 -7.20 39.42 -6.95
N GLU B 336 -7.50 40.64 -6.50
CA GLU B 336 -8.86 41.08 -6.28
C GLU B 336 -9.49 41.66 -7.54
N ARG B 337 -9.34 40.96 -8.68
CA ARG B 337 -10.02 41.28 -9.93
C ARG B 337 -11.13 40.25 -10.20
N ALA B 343 -11.79 32.72 -12.78
CA ALA B 343 -10.91 31.89 -13.56
C ALA B 343 -9.84 31.39 -12.60
N PHE B 344 -8.61 31.20 -13.10
CA PHE B 344 -7.59 30.38 -12.46
C PHE B 344 -7.92 28.94 -12.79
N CYS B 345 -9.10 28.49 -12.33
CA CYS B 345 -9.56 27.14 -12.60
C CYS B 345 -9.66 26.89 -14.10
N GLU B 346 -10.05 27.92 -14.87
CA GLU B 346 -10.06 27.84 -16.32
C GLU B 346 -8.67 27.50 -16.88
N ALA B 347 -7.64 28.18 -16.39
CA ALA B 347 -6.28 27.92 -16.83
C ALA B 347 -5.78 26.53 -16.43
N VAL B 348 -6.12 26.11 -15.20
CA VAL B 348 -5.70 24.80 -14.70
C VAL B 348 -6.44 23.68 -15.43
N GLY B 349 -7.64 24.00 -15.93
CA GLY B 349 -8.42 23.07 -16.74
C GLY B 349 -8.98 21.92 -15.91
N LYS B 350 -9.04 20.73 -16.52
CA LYS B 350 -9.61 19.55 -15.90
C LYS B 350 -8.52 18.65 -15.33
N ARG B 351 -7.38 19.24 -14.95
CA ARG B 351 -6.31 18.49 -14.32
C ARG B 351 -6.72 17.99 -12.94
N GLN B 352 -6.07 16.90 -12.53
CA GLN B 352 -6.32 16.26 -11.26
C GLN B 352 -5.69 17.10 -10.14
N ILE B 353 -6.54 17.69 -9.28
CA ILE B 353 -6.07 18.43 -8.13
C ILE B 353 -5.81 17.52 -6.92
N THR B 354 -4.60 17.55 -6.36
CA THR B 354 -4.30 16.82 -5.14
C THR B 354 -4.38 17.60 -3.83
N GLU B 355 -4.26 18.93 -3.95
CA GLU B 355 -4.28 19.81 -2.79
C GLU B 355 -4.86 21.12 -3.27
N PHE B 356 -5.72 21.71 -2.43
CA PHE B 356 -6.30 23.01 -2.74
C PHE B 356 -6.65 23.69 -1.42
N ASN B 357 -5.64 24.32 -0.81
CA ASN B 357 -5.77 24.79 0.56
C ASN B 357 -5.53 26.29 0.71
N TYR B 358 -6.36 26.94 1.52
CA TYR B 358 -6.31 28.38 1.67
C TYR B 358 -6.94 28.81 2.99
N ARG B 359 -6.45 29.92 3.53
CA ARG B 359 -7.04 30.48 4.74
C ARG B 359 -6.79 31.99 4.70
N TYR B 360 -7.85 32.76 4.90
CA TYR B 360 -7.78 34.21 4.79
C TYR B 360 -6.74 34.78 5.75
N HIS B 361 -5.85 35.63 5.20
CA HIS B 361 -4.92 36.44 5.96
C HIS B 361 -4.97 37.88 5.45
N GLU B 365 -3.71 39.32 1.37
CA GLU B 365 -3.87 38.96 -0.04
C GLU B 365 -3.86 37.43 -0.21
N ALA B 366 -4.68 36.92 -1.15
CA ALA B 366 -5.11 35.53 -1.11
C ALA B 366 -4.15 34.53 -1.73
N HIS B 367 -3.69 33.53 -0.94
CA HIS B 367 -2.73 32.57 -1.42
C HIS B 367 -3.28 31.16 -1.29
N ILE B 368 -3.13 30.37 -2.35
CA ILE B 368 -3.63 29.02 -2.39
C ILE B 368 -2.46 28.06 -2.57
N PHE B 369 -2.45 27.02 -1.74
CA PHE B 369 -1.51 25.93 -1.84
C PHE B 369 -2.16 24.90 -2.76
N VAL B 370 -1.55 24.68 -3.93
CA VAL B 370 -2.15 23.87 -4.97
C VAL B 370 -1.24 22.72 -5.33
N GLY B 371 -1.83 21.52 -5.28
CA GLY B 371 -1.19 20.33 -5.80
C GLY B 371 -1.98 19.89 -7.04
N VAL B 372 -1.23 19.53 -8.09
CA VAL B 372 -1.83 19.27 -9.39
C VAL B 372 -0.98 18.24 -10.12
N GLN B 373 -1.66 17.24 -10.69
CA GLN B 373 -1.00 16.21 -11.49
C GLN B 373 -0.45 16.83 -12.78
N THR B 374 0.76 16.40 -13.14
CA THR B 374 1.48 16.86 -14.32
C THR B 374 2.17 15.62 -14.90
N HIS B 375 2.85 15.81 -16.04
CA HIS B 375 3.65 14.75 -16.65
C HIS B 375 4.90 15.37 -17.26
N PRO B 376 6.12 14.82 -17.04
CA PRO B 376 7.35 15.42 -17.58
C PRO B 376 7.31 15.66 -19.10
N GLU B 377 6.78 14.69 -19.86
CA GLU B 377 6.67 14.82 -21.31
C GLU B 377 5.34 15.42 -21.77
N ASN B 378 4.23 14.89 -21.25
CA ASN B 378 2.90 15.17 -21.80
C ASN B 378 2.25 16.46 -21.29
N ASP B 379 2.60 16.85 -20.05
CA ASP B 379 2.01 18.03 -19.43
C ASP B 379 2.97 18.62 -18.40
N PRO B 380 4.12 19.20 -18.84
CA PRO B 380 5.16 19.66 -17.91
C PRO B 380 4.73 20.87 -17.09
N ARG B 381 5.11 20.85 -15.81
CA ARG B 381 4.67 21.88 -14.87
C ARG B 381 5.23 23.24 -15.23
N GLU B 382 6.44 23.33 -15.85
CA GLU B 382 7.04 24.59 -16.23
C GLU B 382 6.15 25.40 -17.17
N ALA B 383 5.49 24.72 -18.12
CA ALA B 383 4.63 25.40 -19.08
C ALA B 383 3.37 25.91 -18.39
N LEU B 384 2.83 25.11 -17.46
CA LEU B 384 1.67 25.51 -16.69
C LEU B 384 1.97 26.73 -15.82
N VAL B 385 3.14 26.74 -15.18
CA VAL B 385 3.52 27.86 -14.34
C VAL B 385 3.63 29.14 -15.17
N ALA B 386 4.33 29.04 -16.31
CA ALA B 386 4.47 30.19 -17.21
C ALA B 386 3.11 30.65 -17.73
N TYR B 387 2.26 29.67 -18.07
CA TYR B 387 0.91 29.94 -18.51
C TYR B 387 0.12 30.76 -17.50
N LEU B 388 0.19 30.35 -16.22
CA LEU B 388 -0.51 31.02 -15.14
C LEU B 388 0.05 32.40 -14.87
N ARG B 389 1.38 32.54 -14.86
CA ARG B 389 2.02 33.83 -14.66
C ARG B 389 1.64 34.81 -15.77
N GLU B 390 1.72 34.34 -17.03
CA GLU B 390 1.36 35.16 -18.18
C GLU B 390 -0.10 35.63 -18.13
N LYS B 391 -0.96 34.86 -17.44
CA LYS B 391 -2.32 35.29 -17.15
C LYS B 391 -2.42 36.27 -15.97
N GLY B 392 -1.28 36.68 -15.40
CA GLY B 392 -1.25 37.64 -14.31
C GLY B 392 -1.41 37.06 -12.90
N PHE B 393 -1.07 35.78 -12.73
CA PHE B 393 -1.08 35.15 -11.41
C PHE B 393 0.34 35.03 -10.88
N PRO B 394 0.67 35.67 -9.73
CA PRO B 394 1.92 35.33 -9.03
C PRO B 394 1.86 33.84 -8.67
N VAL B 395 2.90 33.11 -9.06
CA VAL B 395 3.00 31.69 -8.81
C VAL B 395 4.40 31.38 -8.27
N LEU B 396 4.48 30.68 -7.13
CA LEU B 396 5.71 30.08 -6.67
C LEU B 396 5.66 28.59 -6.96
N ASP B 397 6.72 28.06 -7.57
CA ASP B 397 6.80 26.63 -7.82
C ASP B 397 7.50 25.97 -6.63
N LEU B 398 6.76 25.18 -5.86
CA LEU B 398 7.24 24.57 -4.64
C LEU B 398 7.43 23.06 -4.81
N THR B 399 7.50 22.61 -6.07
CA THR B 399 7.57 21.19 -6.37
C THR B 399 8.82 20.54 -5.81
N ASP B 400 9.92 21.28 -5.81
CA ASP B 400 11.17 20.76 -5.27
C ASP B 400 11.45 21.25 -3.84
N ASN B 401 10.46 21.92 -3.23
CA ASN B 401 10.60 22.50 -1.92
C ASN B 401 10.18 21.47 -0.87
N GLU B 402 11.15 20.86 -0.19
CA GLU B 402 10.88 19.77 0.74
C GLU B 402 9.95 20.15 1.90
N LEU B 403 10.16 21.33 2.49
CA LEU B 403 9.29 21.82 3.55
C LEU B 403 7.84 21.88 3.08
N ALA B 404 7.62 22.40 1.85
CA ALA B 404 6.29 22.45 1.25
C ALA B 404 5.60 21.09 1.19
N LYS B 405 6.32 20.09 0.69
CA LYS B 405 5.75 18.78 0.47
C LYS B 405 5.58 17.95 1.74
N LEU B 406 6.55 18.07 2.65
CA LEU B 406 6.56 17.29 3.88
C LEU B 406 5.65 17.89 4.96
N HIS B 407 5.56 19.23 5.00
CA HIS B 407 4.96 19.94 6.12
C HIS B 407 3.89 20.98 5.77
N ILE B 408 4.17 21.94 4.88
CA ILE B 408 3.23 23.03 4.65
C ILE B 408 1.90 22.52 4.09
N ARG B 409 1.97 21.44 3.32
CA ARG B 409 0.81 20.65 2.89
C ARG B 409 -0.21 20.42 4.00
N HIS B 410 0.29 20.36 5.25
CA HIS B 410 -0.55 20.07 6.40
C HIS B 410 -0.68 21.25 7.37
N MET B 411 -0.33 22.46 6.92
CA MET B 411 -0.23 23.59 7.83
C MET B 411 -0.93 24.86 7.37
N VAL B 412 -1.64 24.80 6.24
CA VAL B 412 -2.37 25.97 5.76
C VAL B 412 -3.70 25.99 6.49
N GLY B 413 -3.89 27.02 7.30
CA GLY B 413 -5.04 27.14 8.16
C GLY B 413 -4.75 28.21 9.20
N GLY B 414 -4.77 27.81 10.48
CA GLY B 414 -4.59 28.73 11.58
C GLY B 414 -5.84 29.57 11.84
N HIS B 415 -5.77 30.42 12.86
CA HIS B 415 -6.81 31.39 13.14
C HIS B 415 -6.61 32.56 12.18
N ALA B 416 -7.68 33.28 11.85
CA ALA B 416 -7.53 34.52 11.10
C ALA B 416 -8.04 35.67 11.97
N VAL B 417 -7.22 36.73 12.07
CA VAL B 417 -7.40 37.73 13.10
C VAL B 417 -8.75 38.43 12.93
N LYS B 418 -9.07 38.78 11.68
CA LYS B 418 -10.26 39.57 11.37
C LYS B 418 -11.11 38.85 10.34
N VAL B 419 -11.48 37.61 10.67
CA VAL B 419 -12.63 36.95 10.07
C VAL B 419 -13.65 36.87 11.21
N SER B 420 -14.68 37.72 11.13
CA SER B 420 -15.92 37.46 11.84
C SER B 420 -16.93 36.89 10.84
N ASP B 421 -18.05 36.41 11.37
CA ASP B 421 -19.11 35.81 10.56
C ASP B 421 -18.69 34.52 9.88
N GLU B 422 -17.55 33.91 10.27
CA GLU B 422 -17.12 32.67 9.65
C GLU B 422 -18.02 31.54 10.14
N MET B 423 -18.61 30.82 9.18
CA MET B 423 -19.33 29.59 9.41
C MET B 423 -18.53 28.55 8.64
N VAL B 424 -18.60 27.29 9.09
CA VAL B 424 -17.78 26.23 8.54
C VAL B 424 -18.67 25.09 8.09
N PHE B 425 -18.40 24.59 6.89
CA PHE B 425 -19.22 23.58 6.26
C PHE B 425 -18.32 22.53 5.64
N ARG B 426 -18.64 21.27 5.89
CA ARG B 426 -17.94 20.15 5.27
C ARG B 426 -18.83 19.64 4.15
N PHE B 427 -18.23 19.30 3.01
CA PHE B 427 -18.98 18.77 1.88
C PHE B 427 -18.31 17.50 1.36
N GLU B 428 -19.12 16.66 0.69
CA GLU B 428 -18.64 15.50 -0.04
C GLU B 428 -19.23 15.49 -1.44
N PHE B 429 -18.39 15.20 -2.42
CA PHE B 429 -18.85 15.02 -3.79
C PHE B 429 -18.09 13.87 -4.46
N PRO B 430 -18.73 13.17 -5.42
CA PRO B 430 -18.05 12.15 -6.20
C PRO B 430 -16.91 12.73 -7.02
N GLU B 431 -15.74 12.09 -6.95
CA GLU B 431 -14.59 12.50 -7.76
C GLU B 431 -14.78 12.25 -9.25
N ARG B 432 -14.39 13.25 -10.05
CA ARG B 432 -14.66 13.30 -11.47
C ARG B 432 -13.77 14.40 -12.04
N PRO B 433 -13.25 14.31 -13.30
CA PRO B 433 -12.54 15.44 -13.90
C PRO B 433 -13.34 16.74 -13.79
N GLY B 434 -12.74 17.76 -13.17
CA GLY B 434 -13.35 19.06 -12.98
C GLY B 434 -14.22 19.23 -11.74
N ALA B 435 -14.37 18.16 -10.94
CA ALA B 435 -15.34 18.12 -9.85
C ALA B 435 -15.13 19.22 -8.81
N LEU B 436 -13.86 19.43 -8.41
CA LEU B 436 -13.56 20.44 -7.40
C LEU B 436 -13.97 21.82 -7.89
N PHE B 437 -13.51 22.18 -9.10
CA PHE B 437 -13.82 23.48 -9.68
C PHE B 437 -15.33 23.64 -9.93
N ASN B 438 -15.97 22.54 -10.32
CA ASN B 438 -17.41 22.55 -10.48
C ASN B 438 -18.10 22.79 -9.14
N PHE B 439 -17.59 22.16 -8.08
CA PHE B 439 -18.09 22.39 -6.73
C PHE B 439 -17.95 23.86 -6.33
N LEU B 440 -16.75 24.42 -6.52
CA LEU B 440 -16.51 25.81 -6.17
C LEU B 440 -17.34 26.77 -7.01
N THR B 441 -17.61 26.42 -8.27
CA THR B 441 -18.44 27.27 -9.12
C THR B 441 -19.88 27.23 -8.60
N LYS B 442 -20.41 26.04 -8.31
CA LYS B 442 -21.75 25.93 -7.76
C LYS B 442 -21.86 26.53 -6.36
N LEU B 443 -20.80 26.42 -5.54
CA LEU B 443 -20.76 27.05 -4.23
C LEU B 443 -20.88 28.56 -4.37
N GLY B 444 -20.30 29.08 -5.44
CA GLY B 444 -20.48 30.46 -5.83
C GLY B 444 -19.83 31.41 -4.83
N GLY B 445 -20.15 32.68 -5.03
CA GLY B 445 -19.57 33.76 -4.25
C GLY B 445 -20.64 34.62 -3.58
N ARG B 446 -21.83 34.05 -3.32
CA ARG B 446 -22.83 34.74 -2.52
C ARG B 446 -22.23 35.15 -1.17
N TRP B 447 -21.45 34.24 -0.58
CA TRP B 447 -20.64 34.55 0.58
C TRP B 447 -19.15 34.33 0.31
N ASN B 448 -18.33 35.19 0.92
CA ASN B 448 -16.90 35.10 0.73
C ASN B 448 -16.34 33.83 1.37
N ILE B 449 -15.51 33.12 0.60
CA ILE B 449 -14.77 31.99 1.11
C ILE B 449 -13.56 32.50 1.88
N SER B 450 -13.53 32.19 3.18
CA SER B 450 -12.44 32.60 4.06
C SER B 450 -11.52 31.45 4.46
N MET B 451 -11.89 30.21 4.05
CA MET B 451 -11.06 29.06 4.35
C MET B 451 -11.46 27.92 3.43
N PHE B 452 -10.45 27.12 3.03
CA PHE B 452 -10.67 25.94 2.23
C PHE B 452 -9.60 24.91 2.53
N HIS B 453 -9.99 23.64 2.70
CA HIS B 453 -9.06 22.53 2.66
C HIS B 453 -9.64 21.38 1.84
N TYR B 454 -8.78 20.79 1.02
CA TYR B 454 -9.11 19.72 0.10
C TYR B 454 -7.84 18.95 -0.25
N ARG B 455 -7.83 17.65 0.04
CA ARG B 455 -6.75 16.79 -0.41
C ARG B 455 -7.35 15.62 -1.18
N ASN B 456 -6.59 15.10 -2.15
CA ASN B 456 -7.02 13.98 -2.97
C ASN B 456 -5.79 13.20 -3.41
N HIS B 457 -5.48 12.15 -2.67
CA HIS B 457 -4.36 11.27 -2.96
C HIS B 457 -4.96 9.88 -3.15
N GLY B 458 -5.52 9.65 -4.34
CA GLY B 458 -6.24 8.43 -4.64
C GLY B 458 -7.60 8.29 -3.97
N ALA B 459 -8.21 9.40 -3.56
CA ALA B 459 -9.46 9.35 -2.82
C ALA B 459 -10.62 8.92 -3.71
N ALA B 460 -11.62 8.31 -3.07
CA ALA B 460 -12.87 7.92 -3.70
C ALA B 460 -13.85 9.11 -3.76
N ASP B 461 -14.15 9.64 -2.58
CA ASP B 461 -15.02 10.79 -2.43
C ASP B 461 -14.18 12.07 -2.34
N GLY B 462 -14.60 13.10 -3.07
CA GLY B 462 -14.13 14.45 -2.78
C GLY B 462 -14.62 14.89 -1.39
N ARG B 463 -13.68 15.34 -0.55
CA ARG B 463 -13.98 15.87 0.77
C ARG B 463 -13.35 17.24 0.93
N VAL B 464 -14.20 18.23 1.23
CA VAL B 464 -13.75 19.60 1.37
C VAL B 464 -14.38 20.18 2.63
N VAL B 465 -13.63 21.09 3.28
CA VAL B 465 -14.20 21.97 4.28
C VAL B 465 -14.01 23.40 3.79
N ALA B 466 -15.06 24.21 3.96
CA ALA B 466 -15.00 25.60 3.56
C ALA B 466 -15.47 26.48 4.70
N GLY B 467 -14.77 27.59 4.92
CA GLY B 467 -15.26 28.68 5.74
C GLY B 467 -15.94 29.72 4.85
N LEU B 468 -17.15 30.15 5.25
CA LEU B 468 -17.90 31.18 4.57
C LEU B 468 -18.22 32.32 5.52
N GLN B 469 -18.06 33.57 5.04
CA GLN B 469 -18.45 34.75 5.81
C GLN B 469 -19.92 35.04 5.58
N VAL B 470 -20.74 34.61 6.55
CA VAL B 470 -22.18 34.68 6.43
C VAL B 470 -22.64 35.64 7.51
N PRO B 471 -23.08 36.88 7.14
CA PRO B 471 -23.60 37.80 8.15
C PRO B 471 -24.78 37.16 8.88
N GLU B 472 -24.93 37.50 10.16
CA GLU B 472 -25.95 36.97 11.03
C GLU B 472 -27.34 37.01 10.37
N ASP B 473 -27.67 38.13 9.73
CA ASP B 473 -28.98 38.33 9.13
C ASP B 473 -29.20 37.62 7.80
N GLU B 474 -28.19 36.88 7.30
CA GLU B 474 -28.34 36.08 6.09
C GLU B 474 -28.27 34.59 6.37
N ARG B 475 -28.12 34.20 7.65
CA ARG B 475 -27.91 32.80 8.01
C ARG B 475 -29.16 31.94 7.78
N HIS B 476 -30.34 32.55 7.81
CA HIS B 476 -31.57 31.84 7.46
C HIS B 476 -31.52 31.27 6.03
N LEU B 477 -30.69 31.87 5.17
CA LEU B 477 -30.56 31.43 3.78
C LEU B 477 -29.67 30.22 3.56
N ILE B 478 -28.92 29.82 4.60
CA ILE B 478 -27.93 28.77 4.47
C ILE B 478 -28.49 27.43 3.98
N PRO B 479 -29.49 26.83 4.66
CA PRO B 479 -30.01 25.52 4.23
C PRO B 479 -30.38 25.48 2.76
N GLN B 480 -31.20 26.46 2.33
CA GLN B 480 -31.67 26.53 0.96
C GLN B 480 -30.51 26.63 -0.03
N THR B 481 -29.60 27.57 0.24
CA THR B 481 -28.51 27.85 -0.68
C THR B 481 -27.60 26.63 -0.85
N LEU B 482 -27.22 26.01 0.27
CA LEU B 482 -26.30 24.89 0.25
C LEU B 482 -26.97 23.63 -0.29
N GLU B 483 -28.24 23.40 0.04
CA GLU B 483 -28.95 22.28 -0.54
C GLU B 483 -29.07 22.42 -2.06
N ALA B 484 -29.25 23.64 -2.57
CA ALA B 484 -29.31 23.87 -4.01
C ALA B 484 -28.04 23.40 -4.73
N ILE B 485 -26.89 23.47 -4.07
CA ILE B 485 -25.64 22.94 -4.61
C ILE B 485 -25.74 21.46 -4.94
N GLY B 486 -26.49 20.73 -4.11
CA GLY B 486 -26.83 19.34 -4.39
C GLY B 486 -25.95 18.31 -3.73
N TYR B 487 -24.97 18.74 -2.91
CA TYR B 487 -24.11 17.80 -2.21
C TYR B 487 -24.44 17.64 -0.74
N PRO B 488 -24.20 16.46 -0.14
CA PRO B 488 -24.26 16.32 1.31
C PRO B 488 -23.28 17.30 1.97
N TYR B 489 -23.73 17.92 3.06
CA TYR B 489 -22.89 18.87 3.76
C TYR B 489 -23.27 18.85 5.24
N TRP B 490 -22.35 19.32 6.07
CA TRP B 490 -22.56 19.39 7.51
C TRP B 490 -22.07 20.75 8.01
N ASP B 491 -22.87 21.37 8.87
CA ASP B 491 -22.48 22.60 9.52
C ASP B 491 -21.56 22.30 10.70
N GLU B 492 -20.28 22.67 10.56
CA GLU B 492 -19.25 22.40 11.54
C GLU B 492 -18.83 23.65 12.32
N THR B 493 -19.66 24.70 12.28
CA THR B 493 -19.32 25.95 12.92
C THR B 493 -19.09 25.78 14.43
N ALA B 494 -19.84 24.88 15.07
CA ALA B 494 -19.73 24.65 16.51
C ALA B 494 -18.81 23.47 16.85
N ASN B 495 -18.19 22.87 15.85
CA ASN B 495 -17.27 21.77 16.07
C ASN B 495 -16.06 22.27 16.86
N PRO B 496 -15.80 21.72 18.08
CA PRO B 496 -14.71 22.21 18.92
C PRO B 496 -13.33 22.11 18.29
N ALA B 497 -13.13 21.14 17.40
CA ALA B 497 -11.86 21.04 16.70
C ALA B 497 -11.64 22.27 15.82
N TYR B 498 -12.73 22.77 15.20
CA TYR B 498 -12.64 24.00 14.43
C TYR B 498 -12.36 25.20 15.33
N GLN B 499 -13.12 25.32 16.43
CA GLN B 499 -13.00 26.46 17.34
C GLN B 499 -11.59 26.61 17.91
N LEU B 500 -11.02 25.50 18.41
CA LEU B 500 -9.74 25.54 19.09
C LEU B 500 -8.59 25.91 18.16
N PHE B 501 -8.55 25.27 17.00
CA PHE B 501 -7.41 25.37 16.10
C PHE B 501 -7.57 26.40 14.97
N LEU B 502 -8.81 26.74 14.62
CA LEU B 502 -9.08 27.66 13.52
C LEU B 502 -10.00 28.81 13.87
C4 2KT C . -16.37 -5.08 -16.46
C3 2KT C . -15.58 -4.43 -17.62
C2 2KT C . -14.54 -3.38 -17.24
O3 2KT C . -14.92 -2.54 -16.48
C 2KT C . -13.08 -3.38 -17.85
OXT 2KT C . -12.21 -4.26 -17.50
O 2KT C . -12.70 -2.51 -18.73
C4 2KT D . 7.76 27.22 24.36
C3 2KT D . 7.26 25.90 23.91
C2 2KT D . 5.97 25.57 24.66
O3 2KT D . 5.99 24.74 25.51
C 2KT D . 4.71 26.37 24.29
OXT 2KT D . 3.84 26.73 25.14
O 2KT D . 4.55 26.73 23.11
C4 2KT E . 18.43 -12.61 9.60
C3 2KT E . 17.72 -13.10 10.88
C2 2KT E . 16.55 -12.25 11.41
O3 2KT E . 16.70 -11.08 11.43
C 2KT E . 15.23 -12.89 11.95
OXT 2KT E . 15.03 -13.04 13.20
O 2KT E . 14.29 -13.29 11.16
#